data_5T2X
#
_entry.id   5T2X
#
_cell.length_a   138.922
_cell.length_b   238.831
_cell.length_c   100.495
_cell.angle_alpha   90.00
_cell.angle_beta   90.00
_cell.angle_gamma   90.00
#
_symmetry.space_group_name_H-M   'C 2 2 21'
#
loop_
_entity.id
_entity.type
_entity.pdbx_description
1 polymer 'Uncharacterized protein LPG1670'
2 water water
#
_entity_poly.entity_id   1
_entity_poly.type   'polypeptide(L)'
_entity_poly.pdbx_seq_one_letter_code
;(MSE)GSSYNDWLKSSYSELKKINIIENLIKENNFARAK(MSE)LLNNLDLTTLIKYTELSKTITDFCEEAEQADIWRTH
LQNFNEEHFSFEEYPPLTVSQLVKGIYFYGQAAECREEEGKPFGDNELEFLKKSAYQHCFYAYNSLSTWAYEKYK(MSE)
GLNDYSLLTLHYAQKACQYHWTPGYLLFYKTCLNLAILSNAPSLSYQEALEALLIARKLSEHQYSISAINNAYFGKGLIH
GNKTQIESWDKAISETIAKGKIPSTLLNKIYDKASEKAKGILDEFTVEVKD(MSE)PEEEKLENE
;
_entity_poly.pdbx_strand_id   A,B,C
#
# COMPACT_ATOMS: atom_id res chain seq x y z
N SER A 14 6.71 -4.86 8.15
CA SER A 14 6.82 -6.12 7.41
C SER A 14 8.27 -6.58 7.33
N GLU A 15 8.47 -7.90 7.40
CA GLU A 15 9.82 -8.46 7.28
C GLU A 15 10.44 -8.12 5.93
N LEU A 16 9.67 -8.28 4.85
CA LEU A 16 10.17 -7.92 3.53
C LEU A 16 10.40 -6.42 3.40
N LYS A 17 9.57 -5.62 4.06
CA LYS A 17 9.76 -4.16 4.01
C LYS A 17 10.98 -3.75 4.82
N LYS A 18 11.17 -4.34 6.00
CA LYS A 18 12.29 -3.96 6.86
C LYS A 18 13.63 -4.33 6.23
N ILE A 19 13.69 -5.44 5.49
CA ILE A 19 14.92 -5.81 4.80
C ILE A 19 15.23 -4.81 3.70
N ASN A 20 14.21 -4.38 2.95
CA ASN A 20 14.41 -3.41 1.88
C ASN A 20 14.86 -2.05 2.40
N ILE A 21 14.56 -1.74 3.66
CA ILE A 21 15.00 -0.45 4.22
C ILE A 21 16.52 -0.44 4.36
N ILE A 22 17.10 -1.51 4.89
CA ILE A 22 18.55 -1.56 5.04
C ILE A 22 19.23 -1.80 3.69
N GLU A 23 18.59 -2.58 2.83
CA GLU A 23 19.13 -2.82 1.49
C GLU A 23 19.30 -1.51 0.72
N ASN A 24 18.26 -0.67 0.74
CA ASN A 24 18.31 0.57 -0.03
C ASN A 24 19.33 1.55 0.56
N LEU A 25 19.45 1.58 1.88
CA LEU A 25 20.45 2.44 2.51
C LEU A 25 21.86 2.07 2.04
N ILE A 26 22.13 0.77 1.88
CA ILE A 26 23.44 0.34 1.41
C ILE A 26 23.63 0.71 -0.05
N LYS A 27 22.58 0.58 -0.86
CA LYS A 27 22.68 0.94 -2.27
C LYS A 27 22.83 2.45 -2.44
N GLU A 28 22.13 3.25 -1.63
CA GLU A 28 22.25 4.71 -1.68
C GLU A 28 23.54 5.22 -1.03
N ASN A 29 24.42 4.31 -0.65
CA ASN A 29 25.72 4.61 -0.04
C ASN A 29 25.57 5.31 1.31
N ASN A 30 24.43 5.16 1.98
CA ASN A 30 24.27 5.61 3.36
C ASN A 30 24.74 4.50 4.31
N PHE A 31 26.06 4.27 4.27
CA PHE A 31 26.63 3.15 5.01
C PHE A 31 26.51 3.35 6.51
N ALA A 32 26.76 4.57 7.00
CA ALA A 32 26.65 4.83 8.42
C ALA A 32 25.22 4.66 8.91
N ARG A 33 24.24 4.99 8.06
CA ARG A 33 22.84 4.84 8.47
C ARG A 33 22.42 3.37 8.47
N ALA A 34 22.87 2.62 7.46
CA ALA A 34 22.57 1.19 7.43
C ALA A 34 23.27 0.46 8.58
N LYS A 35 24.53 0.82 8.85
CA LYS A 35 25.25 0.23 9.96
C LYS A 35 24.60 0.60 11.30
N LEU A 37 21.34 1.08 11.83
CA LEU A 37 20.14 0.25 12.00
C LEU A 37 20.50 -1.21 12.21
N LEU A 38 21.55 -1.69 11.54
CA LEU A 38 21.97 -3.08 11.72
C LEU A 38 22.40 -3.36 13.15
N ASN A 39 23.01 -2.37 13.81
CA ASN A 39 23.45 -2.56 15.18
C ASN A 39 22.28 -2.61 16.17
N ASN A 40 21.13 -2.04 15.82
CA ASN A 40 19.97 -2.10 16.70
C ASN A 40 19.32 -3.48 16.70
N LEU A 41 19.60 -4.29 15.70
CA LEU A 41 18.93 -5.59 15.57
C LEU A 41 19.43 -6.58 16.61
N ASP A 42 18.55 -7.49 17.00
CA ASP A 42 18.98 -8.66 17.75
C ASP A 42 19.76 -9.59 16.82
N LEU A 43 20.61 -10.42 17.43
CA LEU A 43 21.48 -11.29 16.65
C LEU A 43 20.66 -12.24 15.77
N THR A 44 19.50 -12.69 16.25
CA THR A 44 18.66 -13.58 15.44
C THR A 44 18.23 -12.89 14.15
N THR A 45 17.76 -11.65 14.26
CA THR A 45 17.28 -10.95 13.08
C THR A 45 18.44 -10.53 12.18
N LEU A 46 19.56 -10.11 12.77
CA LEU A 46 20.72 -9.74 11.97
C LEU A 46 21.20 -10.90 11.11
N ILE A 47 21.36 -12.08 11.71
CA ILE A 47 21.80 -13.25 10.96
C ILE A 47 20.78 -13.61 9.91
N LYS A 48 19.49 -13.54 10.25
CA LYS A 48 18.44 -13.86 9.29
C LYS A 48 18.45 -12.90 8.11
N TYR A 49 18.82 -11.64 8.32
CA TYR A 49 18.90 -10.69 7.21
C TYR A 49 20.06 -11.03 6.28
N THR A 50 21.20 -11.45 6.83
CA THR A 50 22.33 -11.80 5.99
C THR A 50 22.04 -13.04 5.15
N GLU A 51 21.14 -13.90 5.60
CA GLU A 51 20.80 -15.09 4.82
C GLU A 51 19.80 -14.78 3.71
N LEU A 52 18.93 -13.79 3.92
CA LEU A 52 17.88 -13.48 2.97
C LEU A 52 18.28 -12.42 1.95
N SER A 53 19.41 -11.74 2.15
CA SER A 53 19.77 -10.60 1.31
C SER A 53 21.26 -10.67 0.99
N LYS A 54 21.58 -10.71 -0.30
CA LYS A 54 22.98 -10.61 -0.72
C LYS A 54 23.56 -9.24 -0.39
N THR A 55 22.75 -8.19 -0.49
CA THR A 55 23.24 -6.84 -0.22
C THR A 55 23.66 -6.70 1.25
N ILE A 56 22.89 -7.28 2.17
CA ILE A 56 23.18 -7.14 3.58
C ILE A 56 24.44 -7.92 3.94
N THR A 57 24.52 -9.17 3.52
CA THR A 57 25.62 -10.03 3.96
C THR A 57 26.96 -9.56 3.39
N ASP A 58 26.98 -9.09 2.14
CA ASP A 58 28.22 -8.57 1.58
C ASP A 58 28.68 -7.33 2.33
N PHE A 59 27.73 -6.46 2.71
CA PHE A 59 28.08 -5.28 3.50
C PHE A 59 28.57 -5.66 4.88
N CYS A 60 27.97 -6.69 5.48
CA CYS A 60 28.34 -7.13 6.82
C CYS A 60 29.61 -7.95 6.86
N GLU A 61 30.16 -8.33 5.72
CA GLU A 61 31.41 -9.08 5.67
C GLU A 61 32.62 -8.20 5.36
N GLU A 62 32.40 -6.92 5.08
CA GLU A 62 33.51 -6.01 4.83
C GLU A 62 34.24 -5.70 6.15
N ALA A 63 35.45 -5.14 6.01
CA ALA A 63 36.31 -4.97 7.17
C ALA A 63 35.73 -3.97 8.16
N GLU A 64 35.18 -2.85 7.68
CA GLU A 64 34.68 -1.83 8.58
C GLU A 64 33.36 -2.22 9.26
N GLN A 65 32.78 -3.36 8.91
CA GLN A 65 31.57 -3.84 9.55
C GLN A 65 31.84 -4.96 10.56
N ALA A 66 33.12 -5.27 10.81
CA ALA A 66 33.48 -6.31 11.76
C ALA A 66 33.10 -5.93 13.19
N ASP A 67 33.02 -4.63 13.50
CA ASP A 67 32.61 -4.23 14.85
C ASP A 67 31.17 -4.58 15.14
N ILE A 68 30.34 -4.73 14.11
CA ILE A 68 28.98 -5.19 14.32
C ILE A 68 28.97 -6.56 14.96
N TRP A 69 29.85 -7.45 14.50
CA TRP A 69 29.91 -8.80 15.03
C TRP A 69 30.62 -8.86 16.37
N ARG A 70 31.65 -8.03 16.57
CA ARG A 70 32.39 -8.03 17.83
C ARG A 70 31.50 -7.60 18.98
N THR A 71 30.57 -6.68 18.74
CA THR A 71 29.61 -6.30 19.78
C THR A 71 28.78 -7.51 20.22
N HIS A 72 28.32 -8.30 19.25
CA HIS A 72 27.58 -9.52 19.60
C HIS A 72 28.50 -10.56 20.23
N LEU A 73 29.74 -10.66 19.76
CA LEU A 73 30.69 -11.58 20.37
C LEU A 73 30.95 -11.24 21.83
N GLN A 74 31.10 -9.94 22.12
CA GLN A 74 31.34 -9.51 23.50
C GLN A 74 30.11 -9.69 24.38
N ASN A 75 28.92 -9.81 23.79
CA ASN A 75 27.73 -10.10 24.59
C ASN A 75 27.71 -11.55 25.05
N PHE A 76 28.38 -12.45 24.32
CA PHE A 76 28.46 -13.84 24.75
C PHE A 76 29.43 -14.03 25.91
N ASN A 77 30.33 -13.08 26.14
CA ASN A 77 31.33 -13.23 27.18
C ASN A 77 30.69 -13.17 28.57
N GLU A 78 31.17 -14.05 29.45
CA GLU A 78 30.67 -14.17 30.81
C GLU A 78 31.67 -13.53 31.77
N GLU A 79 31.54 -13.85 33.06
CA GLU A 79 32.40 -13.22 34.06
C GLU A 79 33.80 -13.80 34.04
N HIS A 80 33.92 -15.13 34.06
CA HIS A 80 35.20 -15.81 34.09
C HIS A 80 35.48 -16.55 32.79
N PHE A 81 34.92 -16.08 31.68
CA PHE A 81 35.24 -16.61 30.36
C PHE A 81 34.86 -15.60 29.30
N SER A 82 35.75 -15.41 28.33
CA SER A 82 35.51 -14.51 27.22
C SER A 82 36.04 -15.16 25.95
N PHE A 83 35.23 -15.11 24.88
CA PHE A 83 35.66 -15.65 23.60
C PHE A 83 36.78 -14.81 23.02
N GLU A 84 37.69 -15.48 22.29
CA GLU A 84 38.80 -14.83 21.64
C GLU A 84 38.77 -15.12 20.14
N GLU A 85 39.27 -14.18 19.36
CA GLU A 85 39.30 -14.31 17.91
C GLU A 85 40.67 -14.83 17.47
N TYR A 86 40.66 -15.61 16.39
CA TYR A 86 41.89 -16.11 15.81
C TYR A 86 41.63 -16.57 14.38
N PRO A 87 42.51 -16.29 13.44
CA PRO A 87 42.31 -16.75 12.06
C PRO A 87 42.43 -18.26 11.97
N PRO A 88 42.03 -18.87 10.83
CA PRO A 88 41.53 -18.26 9.58
C PRO A 88 40.06 -17.83 9.59
N LEU A 89 39.34 -18.10 10.68
CA LEU A 89 37.93 -17.76 10.74
C LEU A 89 37.73 -16.28 10.98
N THR A 90 36.72 -15.70 10.35
CA THR A 90 36.37 -14.31 10.55
C THR A 90 35.48 -14.16 11.78
N VAL A 91 35.28 -12.91 12.21
CA VAL A 91 34.50 -12.67 13.42
C VAL A 91 33.03 -13.00 13.19
N SER A 92 32.53 -12.87 11.96
CA SER A 92 31.14 -13.22 11.70
C SER A 92 30.95 -14.73 11.73
N GLN A 93 31.90 -15.48 11.17
CA GLN A 93 31.86 -16.93 11.27
C GLN A 93 31.91 -17.38 12.72
N LEU A 94 32.69 -16.68 13.55
CA LEU A 94 32.75 -17.04 14.96
C LEU A 94 31.43 -16.78 15.66
N VAL A 95 30.81 -15.62 15.39
CA VAL A 95 29.57 -15.26 16.07
C VAL A 95 28.42 -16.13 15.58
N LYS A 96 28.29 -16.30 14.25
CA LYS A 96 27.24 -17.15 13.71
C LYS A 96 27.40 -18.59 14.20
N GLY A 97 28.64 -19.08 14.23
CA GLY A 97 28.87 -20.44 14.70
C GLY A 97 28.47 -20.63 16.14
N ILE A 98 28.78 -19.65 16.99
CA ILE A 98 28.38 -19.74 18.40
C ILE A 98 26.86 -19.65 18.52
N TYR A 99 26.24 -18.75 17.75
CA TYR A 99 24.79 -18.58 17.84
C TYR A 99 24.06 -19.85 17.41
N PHE A 100 24.41 -20.37 16.23
CA PHE A 100 23.74 -21.58 15.74
C PHE A 100 23.97 -22.76 16.65
N TYR A 101 25.15 -22.85 17.29
CA TYR A 101 25.38 -23.93 18.24
C TYR A 101 24.52 -23.75 19.49
N GLY A 102 24.33 -22.50 19.93
CA GLY A 102 23.44 -22.25 21.05
C GLY A 102 22.01 -22.63 20.72
N GLN A 103 21.57 -22.36 19.48
CA GLN A 103 20.23 -22.78 19.08
C GLN A 103 20.11 -24.29 19.03
N ALA A 104 21.19 -24.99 18.68
CA ALA A 104 21.17 -26.45 18.72
C ALA A 104 21.03 -26.96 20.14
N ALA A 105 21.71 -26.32 21.10
CA ALA A 105 21.61 -26.75 22.49
C ALA A 105 20.20 -26.56 23.03
N GLU A 106 19.52 -25.48 22.62
CA GLU A 106 18.15 -25.27 23.04
C GLU A 106 17.21 -26.29 22.41
N CYS A 107 17.49 -26.71 21.16
CA CYS A 107 16.65 -27.72 20.54
C CYS A 107 16.75 -29.06 21.26
N ARG A 108 17.94 -29.41 21.73
CA ARG A 108 18.09 -30.65 22.50
C ARG A 108 17.34 -30.58 23.81
N GLU A 109 17.34 -29.40 24.46
CA GLU A 109 16.61 -29.24 25.71
C GLU A 109 15.12 -29.44 25.51
N GLU A 110 14.59 -29.02 24.36
CA GLU A 110 13.15 -29.10 24.13
C GLU A 110 12.73 -30.50 23.70
N GLU A 111 13.45 -31.10 22.74
CA GLU A 111 13.09 -32.43 22.27
C GLU A 111 13.31 -33.49 23.34
N GLY A 112 14.28 -33.28 24.23
CA GLY A 112 14.57 -34.22 25.29
C GLY A 112 15.55 -35.32 24.92
N LYS A 113 15.80 -35.55 23.64
CA LYS A 113 16.75 -36.57 23.23
C LYS A 113 17.93 -35.94 22.50
N PRO A 114 19.09 -36.59 22.49
CA PRO A 114 20.23 -36.04 21.77
C PRO A 114 20.08 -36.20 20.26
N PHE A 115 20.53 -35.19 19.53
CA PHE A 115 20.64 -35.22 18.07
C PHE A 115 19.28 -35.45 17.39
N GLY A 116 18.30 -34.65 17.79
CA GLY A 116 17.06 -34.60 17.06
C GLY A 116 17.22 -33.90 15.73
N ASP A 117 16.14 -33.91 14.94
CA ASP A 117 16.20 -33.30 13.61
C ASP A 117 16.45 -31.81 13.70
N ASN A 118 15.84 -31.13 14.68
CA ASN A 118 16.05 -29.70 14.83
C ASN A 118 17.49 -29.40 15.27
N GLU A 119 18.00 -30.15 16.24
CA GLU A 119 19.36 -29.93 16.72
C GLU A 119 20.37 -30.16 15.59
N LEU A 120 20.20 -31.25 14.82
CA LEU A 120 21.11 -31.53 13.72
C LEU A 120 21.07 -30.43 12.68
N GLU A 121 19.89 -29.85 12.45
CA GLU A 121 19.79 -28.77 11.47
C GLU A 121 20.57 -27.54 11.90
N PHE A 122 20.52 -27.20 13.18
CA PHE A 122 21.30 -26.07 13.68
C PHE A 122 22.79 -26.43 13.78
N LEU A 123 23.11 -27.69 14.10
CA LEU A 123 24.51 -28.09 14.16
C LEU A 123 25.18 -27.95 12.80
N LYS A 124 24.46 -28.26 11.73
CA LYS A 124 25.03 -28.17 10.39
C LYS A 124 25.15 -26.72 9.92
N LYS A 125 24.21 -25.86 10.31
CA LYS A 125 24.38 -24.44 10.05
C LYS A 125 25.56 -23.89 10.85
N SER A 126 25.74 -24.37 12.08
CA SER A 126 26.89 -23.97 12.88
C SER A 126 28.19 -24.49 12.26
N ALA A 127 28.17 -25.73 11.77
CA ALA A 127 29.36 -26.28 11.11
C ALA A 127 29.64 -25.59 9.78
N TYR A 128 28.60 -25.08 9.12
CA TYR A 128 28.81 -24.30 7.90
C TYR A 128 29.64 -23.06 8.17
N GLN A 129 29.51 -22.48 9.38
CA GLN A 129 30.38 -21.41 9.84
C GLN A 129 31.66 -21.93 10.48
N HIS A 130 31.90 -23.24 10.40
CA HIS A 130 33.15 -23.87 10.85
C HIS A 130 33.34 -23.71 12.36
N CYS A 131 32.24 -23.77 13.11
CA CYS A 131 32.32 -23.70 14.55
C CYS A 131 32.89 -24.99 15.12
N PHE A 132 33.88 -24.86 16.02
CA PHE A 132 34.51 -26.05 16.59
C PHE A 132 33.51 -26.87 17.41
N TYR A 133 32.62 -26.20 18.13
CA TYR A 133 31.62 -26.91 18.92
C TYR A 133 30.74 -27.77 18.03
N ALA A 134 30.39 -27.28 16.84
CA ALA A 134 29.55 -28.04 15.94
C ALA A 134 30.30 -29.24 15.38
N TYR A 135 31.54 -29.04 14.92
CA TYR A 135 32.34 -30.14 14.42
C TYR A 135 32.54 -31.21 15.49
N ASN A 136 32.78 -30.78 16.73
CA ASN A 136 32.95 -31.74 17.83
C ASN A 136 31.67 -32.51 18.09
N SER A 137 30.53 -31.82 18.14
CA SER A 137 29.27 -32.49 18.42
C SER A 137 28.82 -33.36 17.25
N LEU A 138 29.05 -32.89 16.01
CA LEU A 138 28.67 -33.69 14.85
C LEU A 138 29.52 -34.94 14.72
N SER A 139 30.79 -34.87 15.08
CA SER A 139 31.64 -36.07 15.02
C SER A 139 31.19 -37.10 16.05
N THR A 140 30.72 -36.66 17.22
CA THR A 140 30.14 -37.58 18.18
C THR A 140 28.86 -38.21 17.62
N TRP A 141 28.02 -37.40 16.96
CA TRP A 141 26.80 -37.91 16.37
C TRP A 141 27.09 -38.98 15.32
N ALA A 142 28.06 -38.72 14.44
CA ALA A 142 28.38 -39.68 13.39
C ALA A 142 29.08 -40.90 13.97
N TYR A 143 29.84 -40.74 15.06
CA TYR A 143 30.51 -41.88 15.66
C TYR A 143 29.52 -42.85 16.30
N GLU A 144 28.50 -42.32 16.98
CA GLU A 144 27.48 -43.19 17.56
C GLU A 144 26.67 -43.89 16.48
N LYS A 145 26.44 -43.20 15.35
CA LYS A 145 25.81 -43.85 14.21
C LYS A 145 26.68 -44.99 13.70
N TYR A 146 27.98 -44.74 13.57
CA TYR A 146 28.91 -45.78 13.12
C TYR A 146 28.98 -46.91 14.15
N LYS A 147 28.98 -46.57 15.44
CA LYS A 147 29.11 -47.57 16.48
C LYS A 147 27.91 -48.52 16.51
N GLY A 149 26.22 -49.55 14.00
CA GLY A 149 26.20 -50.44 12.86
C GLY A 149 26.25 -49.80 11.48
N LEU A 150 26.07 -48.49 11.39
CA LEU A 150 26.08 -47.80 10.09
C LEU A 150 27.52 -47.53 9.70
N ASN A 151 28.08 -48.38 8.84
CA ASN A 151 29.52 -48.40 8.59
C ASN A 151 30.00 -47.08 7.98
N ASP A 152 29.28 -46.55 7.00
CA ASP A 152 29.78 -45.40 6.27
C ASP A 152 29.71 -44.10 7.06
N TYR A 153 29.18 -44.12 8.28
CA TYR A 153 29.19 -42.93 9.11
C TYR A 153 30.54 -42.66 9.75
N SER A 154 31.44 -43.64 9.74
CA SER A 154 32.82 -43.38 10.17
C SER A 154 33.48 -42.36 9.25
N LEU A 155 33.03 -42.29 7.99
CA LEU A 155 33.55 -41.29 7.07
C LEU A 155 33.21 -39.88 7.53
N LEU A 156 31.96 -39.67 7.96
CA LEU A 156 31.56 -38.36 8.46
C LEU A 156 32.27 -38.03 9.77
N THR A 157 32.44 -39.02 10.63
CA THR A 157 33.11 -38.78 11.92
C THR A 157 34.50 -38.20 11.72
N LEU A 158 35.27 -38.81 10.81
CA LEU A 158 36.63 -38.32 10.56
C LEU A 158 36.62 -37.03 9.76
N HIS A 159 35.62 -36.84 8.89
CA HIS A 159 35.54 -35.62 8.11
C HIS A 159 35.29 -34.41 8.99
N TYR A 160 34.41 -34.54 9.99
CA TYR A 160 34.12 -33.42 10.87
C TYR A 160 35.34 -33.07 11.71
N ALA A 161 36.09 -34.08 12.15
CA ALA A 161 37.32 -33.82 12.91
C ALA A 161 38.40 -33.21 12.02
N GLN A 162 38.46 -33.62 10.75
CA GLN A 162 39.44 -33.05 9.83
C GLN A 162 39.14 -31.58 9.55
N LYS A 163 37.86 -31.22 9.45
CA LYS A 163 37.49 -29.82 9.28
C LYS A 163 37.86 -29.00 10.49
N ALA A 164 37.77 -29.59 11.69
CA ALA A 164 38.21 -28.87 12.89
C ALA A 164 39.70 -28.57 12.86
N CYS A 165 40.49 -29.42 12.19
CA CYS A 165 41.92 -29.16 12.07
C CYS A 165 42.20 -27.98 11.15
N GLN A 166 41.33 -27.73 10.17
CA GLN A 166 41.56 -26.65 9.23
C GLN A 166 41.44 -25.27 9.87
N TYR A 167 40.71 -25.16 10.98
CA TYR A 167 40.39 -23.85 11.54
C TYR A 167 40.67 -23.69 13.03
N HIS A 168 40.96 -24.77 13.77
CA HIS A 168 40.96 -24.66 15.23
C HIS A 168 42.23 -25.19 15.87
N TRP A 169 43.34 -25.25 15.12
CA TRP A 169 44.70 -25.34 15.68
C TRP A 169 44.80 -26.56 16.60
N THR A 170 45.26 -26.41 17.85
CA THR A 170 45.52 -27.57 18.69
C THR A 170 44.24 -28.29 19.08
N PRO A 171 43.17 -27.63 19.55
CA PRO A 171 41.94 -28.38 19.85
C PRO A 171 41.36 -29.11 18.65
N GLY A 172 41.57 -28.58 17.44
CA GLY A 172 41.12 -29.30 16.25
C GLY A 172 41.87 -30.60 16.04
N TYR A 173 43.21 -30.54 16.13
CA TYR A 173 44.01 -31.75 15.95
C TYR A 173 43.83 -32.72 17.12
N LEU A 174 43.54 -32.20 18.32
CA LEU A 174 43.23 -33.10 19.43
C LEU A 174 41.91 -33.83 19.18
N LEU A 175 40.95 -33.16 18.55
CA LEU A 175 39.70 -33.82 18.19
C LEU A 175 39.95 -34.91 17.14
N PHE A 176 40.76 -34.61 16.13
CA PHE A 176 41.13 -35.61 15.13
C PHE A 176 41.88 -36.76 15.79
N TYR A 177 42.76 -36.47 16.74
CA TYR A 177 43.49 -37.51 17.45
C TYR A 177 42.55 -38.40 18.24
N LYS A 178 41.62 -37.80 18.99
CA LYS A 178 40.67 -38.59 19.77
C LYS A 178 39.71 -39.36 18.87
N THR A 179 39.36 -38.78 17.72
CA THR A 179 38.47 -39.48 16.79
C THR A 179 39.14 -40.73 16.23
N CYS A 180 40.44 -40.65 15.94
CA CYS A 180 41.15 -41.82 15.44
C CYS A 180 41.25 -42.91 16.50
N LEU A 181 41.40 -42.52 17.78
CA LEU A 181 41.41 -43.50 18.85
C LEU A 181 40.07 -44.22 18.95
N ASN A 182 38.97 -43.47 18.88
CA ASN A 182 37.65 -44.06 18.96
C ASN A 182 37.36 -44.96 17.77
N LEU A 183 37.91 -44.62 16.59
CA LEU A 183 37.72 -45.49 15.43
C LEU A 183 38.60 -46.73 15.53
N ALA A 184 39.77 -46.62 16.15
CA ALA A 184 40.64 -47.78 16.33
C ALA A 184 40.03 -48.80 17.27
N ILE A 185 39.23 -48.35 18.24
CA ILE A 185 38.58 -49.27 19.18
C ILE A 185 37.63 -50.20 18.45
N LEU A 186 36.91 -49.67 17.47
CA LEU A 186 35.92 -50.45 16.73
C LEU A 186 36.49 -51.09 15.46
N SER A 187 37.78 -50.92 15.20
CA SER A 187 38.39 -51.46 14.00
C SER A 187 39.05 -52.81 14.28
N ASN A 188 39.06 -53.66 13.27
CA ASN A 188 39.73 -54.96 13.35
C ASN A 188 41.18 -54.90 12.89
N ALA A 189 41.59 -53.83 12.22
CA ALA A 189 42.99 -53.57 11.89
C ALA A 189 43.32 -52.15 12.33
N PRO A 190 43.40 -51.91 13.65
CA PRO A 190 43.47 -50.54 14.17
C PRO A 190 44.83 -49.87 14.03
N SER A 191 45.79 -50.50 13.35
CA SER A 191 47.14 -49.94 13.28
C SER A 191 47.13 -48.58 12.59
N LEU A 192 46.47 -48.49 11.43
CA LEU A 192 46.46 -47.24 10.68
C LEU A 192 45.76 -46.13 11.46
N SER A 193 44.72 -46.47 12.22
CA SER A 193 44.02 -45.46 12.99
C SER A 193 44.92 -44.92 14.11
N TYR A 194 45.70 -45.78 14.75
CA TYR A 194 46.61 -45.31 15.79
C TYR A 194 47.76 -44.50 15.21
N GLN A 195 48.23 -44.87 14.02
CA GLN A 195 49.29 -44.10 13.38
C GLN A 195 48.80 -42.72 12.99
N GLU A 196 47.56 -42.61 12.51
CA GLU A 196 46.98 -41.30 12.23
C GLU A 196 46.71 -40.52 13.50
N ALA A 197 46.35 -41.21 14.59
CA ALA A 197 46.14 -40.53 15.86
C ALA A 197 47.42 -39.92 16.39
N LEU A 198 48.55 -40.64 16.24
CA LEU A 198 49.82 -40.14 16.73
C LEU A 198 50.23 -38.87 15.98
N GLU A 199 50.10 -38.87 14.67
CA GLU A 199 50.49 -37.72 13.87
C GLU A 199 49.70 -36.48 14.27
N ALA A 200 48.37 -36.63 14.40
CA ALA A 200 47.54 -35.51 14.82
C ALA A 200 47.86 -35.08 16.25
N LEU A 201 48.19 -36.02 17.11
CA LEU A 201 48.56 -35.68 18.48
C LEU A 201 49.86 -34.90 18.52
N LEU A 202 50.84 -35.30 17.71
CA LEU A 202 52.11 -34.57 17.67
C LEU A 202 51.92 -33.17 17.09
N ILE A 203 51.11 -33.04 16.04
CA ILE A 203 50.86 -31.73 15.46
C ILE A 203 50.17 -30.82 16.48
N ALA A 204 49.24 -31.38 17.25
CA ALA A 204 48.55 -30.59 18.26
C ALA A 204 49.52 -30.03 19.29
N ARG A 205 50.55 -30.81 19.64
CA ARG A 205 51.54 -30.32 20.59
C ARG A 205 52.43 -29.26 19.96
N LYS A 206 52.88 -29.49 18.72
CA LYS A 206 53.75 -28.54 18.04
C LYS A 206 53.06 -27.23 17.72
N LEU A 207 51.73 -27.18 17.77
CA LEU A 207 51.00 -25.94 17.57
C LEU A 207 50.58 -25.28 18.88
N SER A 208 50.72 -25.97 20.01
CA SER A 208 50.16 -25.51 21.28
C SER A 208 50.81 -24.23 21.79
N GLU A 209 51.93 -23.80 21.23
CA GLU A 209 52.61 -22.60 21.70
C GLU A 209 52.20 -21.35 20.94
N HIS A 210 51.60 -21.47 19.77
CA HIS A 210 51.26 -20.31 18.96
C HIS A 210 50.14 -19.49 19.61
N GLN A 211 50.19 -18.18 19.39
CA GLN A 211 49.20 -17.29 20.00
C GLN A 211 47.79 -17.62 19.53
N TYR A 212 47.62 -17.88 18.23
CA TYR A 212 46.30 -18.20 17.71
C TYR A 212 45.79 -19.52 18.28
N SER A 213 46.69 -20.48 18.50
CA SER A 213 46.28 -21.76 19.07
C SER A 213 45.93 -21.62 20.55
N ILE A 214 46.61 -20.72 21.26
CA ILE A 214 46.26 -20.46 22.66
C ILE A 214 44.83 -19.92 22.75
N SER A 215 44.44 -19.08 21.80
CA SER A 215 43.06 -18.57 21.78
C SER A 215 42.09 -19.69 21.44
N ALA A 216 42.48 -20.61 20.55
CA ALA A 216 41.61 -21.74 20.23
C ALA A 216 41.41 -22.64 21.44
N ILE A 217 42.46 -22.86 22.23
CA ILE A 217 42.33 -23.65 23.44
C ILE A 217 41.41 -22.95 24.43
N ASN A 218 41.45 -21.61 24.47
CA ASN A 218 40.56 -20.86 25.33
C ASN A 218 39.10 -21.07 24.94
N ASN A 219 38.80 -20.93 23.64
CA ASN A 219 37.42 -21.05 23.18
C ASN A 219 36.91 -22.48 23.28
N ALA A 220 37.74 -23.46 22.88
CA ALA A 220 37.27 -24.83 22.75
C ALA A 220 36.90 -25.42 24.10
N TYR A 221 37.66 -25.10 25.15
CA TYR A 221 37.43 -25.67 26.47
C TYR A 221 36.90 -24.64 27.46
N PHE A 222 36.42 -23.50 26.97
CA PHE A 222 35.79 -22.48 27.80
C PHE A 222 36.71 -22.00 28.92
N GLY A 223 37.98 -21.80 28.58
CA GLY A 223 38.95 -21.28 29.54
C GLY A 223 39.41 -22.26 30.59
N LYS A 224 38.92 -23.50 30.59
CA LYS A 224 39.26 -24.48 31.61
C LYS A 224 40.54 -25.24 31.29
N GLY A 225 41.27 -24.84 30.25
CA GLY A 225 42.58 -25.41 29.97
C GLY A 225 42.50 -26.72 29.20
N LEU A 226 43.67 -27.15 28.73
CA LEU A 226 43.78 -28.35 27.91
C LEU A 226 43.71 -29.63 28.74
N ILE A 227 43.96 -29.56 30.04
CA ILE A 227 43.90 -30.75 30.88
C ILE A 227 42.47 -31.07 31.28
N HIS A 228 41.69 -30.05 31.65
CA HIS A 228 40.30 -30.26 32.05
C HIS A 228 39.38 -30.29 30.83
N GLY A 229 39.90 -30.76 29.69
CA GLY A 229 39.12 -30.84 28.47
C GLY A 229 39.36 -32.13 27.72
N ASN A 230 40.52 -32.73 27.94
CA ASN A 230 40.87 -33.99 27.28
C ASN A 230 41.99 -34.71 28.02
N GLU A 235 45.77 -35.97 29.87
CA GLU A 235 46.43 -35.89 31.16
C GLU A 235 47.77 -35.17 31.03
N SER A 236 48.60 -35.70 30.13
CA SER A 236 49.91 -35.12 29.86
C SER A 236 50.29 -35.43 28.42
N TRP A 237 51.09 -34.53 27.84
CA TRP A 237 51.53 -34.70 26.46
C TRP A 237 52.30 -36.00 26.29
N ASP A 238 53.39 -36.18 27.06
CA ASP A 238 54.21 -37.38 26.93
C ASP A 238 53.43 -38.64 27.31
N LYS A 239 52.52 -38.53 28.28
CA LYS A 239 51.69 -39.68 28.66
C LYS A 239 50.78 -40.10 27.51
N ALA A 240 50.15 -39.12 26.84
CA ALA A 240 49.26 -39.44 25.73
C ALA A 240 50.03 -39.95 24.52
N ILE A 241 51.19 -39.38 24.25
CA ILE A 241 52.01 -39.85 23.14
C ILE A 241 52.49 -41.27 23.39
N SER A 242 52.92 -41.56 24.62
CA SER A 242 53.44 -42.89 24.92
C SER A 242 52.35 -43.95 24.84
N GLU A 243 51.15 -43.65 25.33
CA GLU A 243 50.08 -44.63 25.30
C GLU A 243 49.58 -44.90 23.88
N THR A 244 49.63 -43.89 23.01
CA THR A 244 49.25 -44.10 21.62
C THR A 244 50.23 -45.02 20.92
N ILE A 245 51.53 -44.87 21.20
CA ILE A 245 52.54 -45.73 20.59
C ILE A 245 52.41 -47.15 21.13
N ALA A 246 52.08 -47.30 22.42
CA ALA A 246 51.98 -48.62 23.02
C ALA A 246 50.71 -49.34 22.55
N LYS A 247 49.56 -48.66 22.66
CA LYS A 247 48.30 -49.27 22.23
C LYS A 247 48.31 -49.61 20.75
N GLY A 248 48.89 -48.73 19.94
CA GLY A 248 48.90 -48.93 18.50
C GLY A 248 49.93 -49.91 17.98
N LYS A 249 50.84 -50.37 18.85
CA LYS A 249 51.91 -51.29 18.45
C LYS A 249 52.70 -50.73 17.27
N ILE A 250 52.85 -49.41 17.25
CA ILE A 250 53.53 -48.71 16.17
C ILE A 250 55.01 -49.11 16.19
N PRO A 251 55.52 -49.72 15.12
CA PRO A 251 56.93 -50.10 15.09
C PRO A 251 57.85 -48.89 15.07
N SER A 252 59.08 -49.10 15.53
CA SER A 252 60.05 -48.02 15.61
C SER A 252 60.44 -47.48 14.24
N THR A 253 60.29 -48.27 13.18
CA THR A 253 60.63 -47.81 11.85
C THR A 253 59.68 -46.72 11.39
N LEU A 254 58.39 -46.86 11.69
CA LEU A 254 57.38 -45.89 11.29
C LEU A 254 57.35 -44.66 12.18
N LEU A 255 58.00 -44.70 13.35
CA LEU A 255 57.98 -43.55 14.26
C LEU A 255 58.66 -42.34 13.63
N ASN A 256 59.86 -42.54 13.08
CA ASN A 256 60.58 -41.42 12.47
C ASN A 256 59.80 -40.82 11.30
N LYS A 257 59.07 -41.65 10.56
CA LYS A 257 58.27 -41.14 9.46
C LYS A 257 57.11 -40.30 9.98
N ILE A 258 56.48 -40.72 11.07
CA ILE A 258 55.35 -39.97 11.62
C ILE A 258 55.81 -38.68 12.26
N TYR A 259 56.93 -38.72 13.01
CA TYR A 259 57.45 -37.52 13.62
C TYR A 259 57.88 -36.50 12.57
N ASP A 260 58.43 -36.96 11.45
CA ASP A 260 58.84 -36.04 10.40
C ASP A 260 57.64 -35.43 9.69
N LYS A 261 56.59 -36.23 9.48
CA LYS A 261 55.38 -35.70 8.86
C LYS A 261 54.70 -34.68 9.75
N ALA A 262 54.68 -34.93 11.06
CA ALA A 262 54.07 -33.99 12.00
C ALA A 262 54.85 -32.68 12.05
N SER A 263 56.18 -32.76 12.08
CA SER A 263 56.99 -31.54 12.11
C SER A 263 56.86 -30.76 10.81
N GLU A 264 56.80 -31.45 9.68
CA GLU A 264 56.69 -30.77 8.39
C GLU A 264 55.36 -30.06 8.25
N LYS A 265 54.27 -30.73 8.62
CA LYS A 265 52.95 -30.12 8.48
C LYS A 265 52.74 -29.00 9.50
N ALA A 266 53.28 -29.16 10.71
CA ALA A 266 53.16 -28.10 11.71
C ALA A 266 54.01 -26.88 11.34
N LYS A 267 55.16 -27.10 10.70
CA LYS A 267 56.00 -25.97 10.29
C LYS A 267 55.31 -25.14 9.22
N GLY A 268 54.65 -25.79 8.25
CA GLY A 268 53.91 -25.05 7.24
C GLY A 268 52.77 -24.23 7.83
N ILE A 269 52.20 -24.68 8.94
CA ILE A 269 51.14 -23.93 9.60
C ILE A 269 51.72 -22.71 10.32
N LEU A 270 52.80 -22.91 11.07
CA LEU A 270 53.39 -21.82 11.83
C LEU A 270 54.04 -20.78 10.93
N ASP A 271 54.49 -21.18 9.74
CA ASP A 271 55.10 -20.22 8.82
C ASP A 271 54.05 -19.36 8.13
N GLU A 272 52.85 -19.90 7.88
CA GLU A 272 51.80 -19.13 7.23
C GLU A 272 51.25 -18.05 8.16
N PHE A 273 51.33 -18.27 9.48
CA PHE A 273 50.84 -17.33 10.48
C PHE A 273 52.03 -16.84 11.28
N THR A 274 52.78 -15.91 10.70
CA THR A 274 53.98 -15.39 11.33
C THR A 274 53.83 -13.91 11.69
N SER B 14 -27.57 3.98 -6.00
CA SER B 14 -26.51 2.97 -6.01
C SER B 14 -25.13 3.61 -6.18
N GLU B 15 -24.17 3.17 -5.37
CA GLU B 15 -22.82 3.70 -5.46
C GLU B 15 -22.18 3.33 -6.80
N LEU B 16 -22.39 2.10 -7.26
CA LEU B 16 -21.84 1.69 -8.54
C LEU B 16 -22.48 2.43 -9.70
N LYS B 17 -23.77 2.78 -9.57
CA LYS B 17 -24.43 3.54 -10.62
C LYS B 17 -23.96 4.99 -10.63
N LYS B 18 -23.79 5.58 -9.44
CA LYS B 18 -23.36 6.97 -9.36
C LYS B 18 -21.93 7.14 -9.86
N ILE B 19 -21.07 6.15 -9.62
CA ILE B 19 -19.72 6.20 -10.16
C ILE B 19 -19.74 6.14 -11.68
N ASN B 20 -20.63 5.31 -12.24
CA ASN B 20 -20.71 5.20 -13.69
C ASN B 20 -21.21 6.49 -14.33
N ILE B 21 -22.00 7.28 -13.60
CA ILE B 21 -22.48 8.56 -14.13
C ILE B 21 -21.31 9.50 -14.39
N ILE B 22 -20.39 9.60 -13.42
CA ILE B 22 -19.24 10.48 -13.59
C ILE B 22 -18.23 9.85 -14.54
N GLU B 23 -18.07 8.52 -14.49
CA GLU B 23 -17.16 7.85 -15.42
C GLU B 23 -17.56 8.09 -16.86
N ASN B 24 -18.84 7.90 -17.18
CA ASN B 24 -19.29 8.04 -18.56
C ASN B 24 -19.18 9.49 -19.03
N LEU B 25 -19.43 10.45 -18.14
CA LEU B 25 -19.27 11.86 -18.52
C LEU B 25 -17.85 12.16 -18.93
N ILE B 26 -16.87 11.55 -18.26
CA ILE B 26 -15.47 11.78 -18.61
C ILE B 26 -15.13 11.12 -19.94
N LYS B 27 -15.65 9.91 -20.17
CA LYS B 27 -15.34 9.22 -21.42
C LYS B 27 -16.05 9.85 -22.61
N GLU B 28 -17.22 10.44 -22.40
CA GLU B 28 -17.90 11.20 -23.44
C GLU B 28 -17.36 12.60 -23.60
N ASN B 29 -16.24 12.92 -22.94
CA ASN B 29 -15.56 14.21 -23.02
C ASN B 29 -16.42 15.37 -22.53
N ASN B 30 -17.40 15.08 -21.67
CA ASN B 30 -18.16 16.13 -20.97
C ASN B 30 -17.42 16.50 -19.69
N PHE B 31 -16.27 17.16 -19.88
CA PHE B 31 -15.37 17.44 -18.76
C PHE B 31 -15.99 18.44 -17.78
N ALA B 32 -16.63 19.49 -18.30
CA ALA B 32 -17.22 20.49 -17.42
C ALA B 32 -18.36 19.89 -16.60
N ARG B 33 -19.13 19.00 -17.19
CA ARG B 33 -20.23 18.36 -16.46
C ARG B 33 -19.71 17.39 -15.41
N ALA B 34 -18.59 16.71 -15.70
CA ALA B 34 -18.01 15.80 -14.72
C ALA B 34 -17.41 16.57 -13.55
N LYS B 35 -16.66 17.64 -13.85
CA LYS B 35 -16.10 18.47 -12.79
C LYS B 35 -17.21 19.11 -11.96
N LEU B 37 -20.18 17.87 -11.25
CA LEU B 37 -20.72 16.90 -10.30
C LEU B 37 -19.68 16.49 -9.26
N LEU B 38 -18.41 16.41 -9.65
CA LEU B 38 -17.36 16.08 -8.69
C LEU B 38 -17.23 17.15 -7.62
N ASN B 39 -17.45 18.42 -7.98
CA ASN B 39 -17.36 19.49 -6.99
C ASN B 39 -18.51 19.46 -5.99
N ASN B 40 -19.63 18.81 -6.33
CA ASN B 40 -20.74 18.71 -5.40
C ASN B 40 -20.53 17.63 -4.36
N LEU B 41 -19.57 16.74 -4.56
CA LEU B 41 -19.35 15.62 -3.66
C LEU B 41 -18.68 16.06 -2.36
N ASP B 42 -19.05 15.41 -1.27
CA ASP B 42 -18.28 15.53 -0.05
C ASP B 42 -16.91 14.90 -0.24
N LEU B 43 -15.93 15.38 0.55
CA LEU B 43 -14.56 14.91 0.37
C LEU B 43 -14.46 13.40 0.56
N THR B 44 -15.24 12.84 1.49
CA THR B 44 -15.21 11.40 1.71
C THR B 44 -15.60 10.64 0.46
N THR B 45 -16.68 11.07 -0.21
CA THR B 45 -17.14 10.38 -1.40
C THR B 45 -16.23 10.62 -2.58
N LEU B 46 -15.69 11.83 -2.71
CA LEU B 46 -14.75 12.13 -3.80
C LEU B 46 -13.53 11.22 -3.72
N ILE B 47 -12.95 11.09 -2.52
CA ILE B 47 -11.78 10.23 -2.37
C ILE B 47 -12.14 8.77 -2.62
N LYS B 48 -13.32 8.35 -2.12
CA LYS B 48 -13.79 7.00 -2.39
C LYS B 48 -13.90 6.72 -3.88
N TYR B 49 -14.36 7.72 -4.66
CA TYR B 49 -14.50 7.52 -6.09
C TYR B 49 -13.14 7.39 -6.78
N THR B 50 -12.16 8.16 -6.33
CA THR B 50 -10.83 8.08 -6.94
C THR B 50 -10.16 6.73 -6.67
N GLU B 51 -10.50 6.09 -5.56
CA GLU B 51 -9.92 4.78 -5.26
C GLU B 51 -10.57 3.66 -6.05
N LEU B 52 -11.85 3.82 -6.40
CA LEU B 52 -12.59 2.76 -7.08
C LEU B 52 -12.58 2.90 -8.60
N SER B 53 -12.26 4.08 -9.12
CA SER B 53 -12.37 4.35 -10.56
C SER B 53 -11.06 4.91 -11.07
N LYS B 54 -10.42 4.18 -12.00
CA LYS B 54 -9.23 4.70 -12.65
C LYS B 54 -9.56 5.92 -13.51
N THR B 55 -10.75 5.90 -14.15
CA THR B 55 -11.16 7.03 -14.97
C THR B 55 -11.29 8.31 -14.15
N ILE B 56 -11.85 8.19 -12.94
CA ILE B 56 -12.08 9.38 -12.12
C ILE B 56 -10.77 9.91 -11.56
N THR B 57 -9.92 9.03 -11.03
CA THR B 57 -8.71 9.50 -10.37
C THR B 57 -7.72 10.11 -11.36
N ASP B 58 -7.64 9.58 -12.57
CA ASP B 58 -6.78 10.18 -13.58
C ASP B 58 -7.29 11.56 -13.97
N PHE B 59 -8.61 11.70 -14.12
CA PHE B 59 -9.20 12.99 -14.45
C PHE B 59 -8.96 13.99 -13.32
N CYS B 60 -9.08 13.54 -12.06
CA CYS B 60 -8.89 14.41 -10.91
C CYS B 60 -7.43 14.75 -10.65
N GLU B 61 -6.49 14.05 -11.28
CA GLU B 61 -5.06 14.32 -11.10
C GLU B 61 -4.49 15.25 -12.16
N GLU B 62 -5.28 15.64 -13.16
CA GLU B 62 -4.80 16.56 -14.17
C GLU B 62 -4.74 17.99 -13.63
N ALA B 63 -4.03 18.85 -14.34
CA ALA B 63 -3.78 20.20 -13.85
C ALA B 63 -5.07 21.02 -13.78
N GLU B 64 -5.98 20.82 -14.74
CA GLU B 64 -7.20 21.61 -14.76
C GLU B 64 -8.17 21.22 -13.64
N GLN B 65 -7.98 20.07 -13.00
CA GLN B 65 -8.83 19.63 -11.91
C GLN B 65 -8.24 19.90 -10.54
N ALA B 66 -7.11 20.62 -10.48
CA ALA B 66 -6.48 20.92 -9.19
C ALA B 66 -7.34 21.84 -8.34
N ASP B 67 -8.20 22.64 -8.96
CA ASP B 67 -9.09 23.51 -8.20
C ASP B 67 -10.11 22.73 -7.37
N ILE B 68 -10.41 21.49 -7.77
CA ILE B 68 -11.32 20.65 -6.98
C ILE B 68 -10.72 20.40 -5.61
N TRP B 69 -9.43 20.10 -5.56
CA TRP B 69 -8.78 19.80 -4.28
C TRP B 69 -8.52 21.06 -3.47
N ARG B 70 -8.22 22.19 -4.13
CA ARG B 70 -7.97 23.42 -3.39
C ARG B 70 -9.22 23.89 -2.65
N THR B 71 -10.39 23.67 -3.24
CA THR B 71 -11.64 23.99 -2.54
C THR B 71 -11.74 23.19 -1.24
N HIS B 72 -11.41 21.90 -1.28
CA HIS B 72 -11.42 21.11 -0.06
C HIS B 72 -10.29 21.53 0.88
N LEU B 73 -9.14 21.91 0.33
CA LEU B 73 -8.03 22.36 1.17
C LEU B 73 -8.39 23.63 1.92
N GLN B 74 -9.08 24.55 1.26
CA GLN B 74 -9.47 25.80 1.90
C GLN B 74 -10.57 25.60 2.93
N ASN B 75 -11.35 24.52 2.82
CA ASN B 75 -12.33 24.21 3.86
C ASN B 75 -11.67 23.72 5.14
N PHE B 76 -10.45 23.18 5.06
CA PHE B 76 -9.72 22.81 6.26
C PHE B 76 -9.17 24.02 7.00
N ASN B 77 -9.03 25.16 6.32
CA ASN B 77 -8.42 26.33 6.94
C ASN B 77 -9.32 26.90 8.03
N GLU B 78 -8.69 27.34 9.10
CA GLU B 78 -9.38 27.93 10.24
C GLU B 78 -9.19 29.44 10.22
N GLU B 79 -9.62 30.12 11.29
CA GLU B 79 -9.55 31.57 11.31
C GLU B 79 -8.12 32.07 11.51
N HIS B 80 -7.28 31.31 12.20
CA HIS B 80 -5.92 31.73 12.50
C HIS B 80 -4.89 30.70 12.05
N PHE B 81 -5.25 29.87 11.07
CA PHE B 81 -4.31 28.96 10.45
C PHE B 81 -4.86 28.52 9.09
N SER B 82 -3.98 28.52 8.08
CA SER B 82 -4.35 28.09 6.75
C SER B 82 -3.23 27.22 6.18
N PHE B 83 -3.61 26.10 5.57
CA PHE B 83 -2.64 25.23 4.94
C PHE B 83 -2.04 25.90 3.72
N GLU B 84 -0.79 25.56 3.43
CA GLU B 84 -0.07 26.09 2.28
C GLU B 84 0.47 24.94 1.44
N GLU B 85 0.47 25.13 0.13
CA GLU B 85 0.98 24.12 -0.80
C GLU B 85 2.46 24.35 -1.05
N TYR B 86 3.18 23.25 -1.29
CA TYR B 86 4.59 23.32 -1.64
C TYR B 86 5.01 22.01 -2.27
N PRO B 87 5.79 22.04 -3.34
CA PRO B 87 6.24 20.79 -3.97
C PRO B 87 7.20 20.03 -3.07
N PRO B 88 7.50 18.76 -3.38
CA PRO B 88 7.09 17.97 -4.55
C PRO B 88 5.67 17.40 -4.49
N LEU B 89 5.00 17.51 -3.34
CA LEU B 89 3.67 16.94 -3.19
C LEU B 89 2.64 17.77 -3.95
N THR B 90 1.68 17.08 -4.56
CA THR B 90 0.60 17.73 -5.27
C THR B 90 -0.53 18.10 -4.31
N VAL B 91 -1.48 18.89 -4.80
CA VAL B 91 -2.56 19.37 -3.94
C VAL B 91 -3.48 18.23 -3.52
N SER B 92 -3.63 17.20 -4.37
CA SER B 92 -4.49 16.08 -3.99
C SER B 92 -3.84 15.22 -2.92
N GLN B 93 -2.53 14.99 -3.03
CA GLN B 93 -1.80 14.29 -1.97
C GLN B 93 -1.90 15.06 -0.66
N LEU B 94 -1.89 16.39 -0.72
CA LEU B 94 -2.00 17.19 0.49
C LEU B 94 -3.38 17.04 1.11
N VAL B 95 -4.44 17.10 0.30
CA VAL B 95 -5.80 17.01 0.81
C VAL B 95 -6.10 15.61 1.33
N LYS B 96 -5.76 14.59 0.53
CA LYS B 96 -5.99 13.21 0.97
C LYS B 96 -5.20 12.89 2.23
N GLY B 97 -3.96 13.37 2.32
CA GLY B 97 -3.15 13.12 3.50
C GLY B 97 -3.74 13.75 4.75
N ILE B 98 -4.27 14.97 4.62
CA ILE B 98 -4.91 15.62 5.76
C ILE B 98 -6.20 14.89 6.13
N TYR B 99 -6.97 14.48 5.13
CA TYR B 99 -8.24 13.80 5.40
C TYR B 99 -8.01 12.47 6.10
N PHE B 100 -7.12 11.64 5.56
CA PHE B 100 -6.86 10.33 6.17
C PHE B 100 -6.26 10.47 7.55
N TYR B 101 -5.44 11.50 7.78
CA TYR B 101 -4.91 11.72 9.14
C TYR B 101 -6.02 12.15 10.09
N GLY B 102 -6.97 12.95 9.60
CA GLY B 102 -8.11 13.30 10.43
C GLY B 102 -8.95 12.10 10.79
N GLN B 103 -9.15 11.19 9.82
CA GLN B 103 -9.86 9.94 10.11
C GLN B 103 -9.11 9.10 11.13
N ALA B 104 -7.78 9.14 11.11
CA ALA B 104 -7.00 8.43 12.11
C ALA B 104 -7.23 9.00 13.50
N ALA B 105 -7.26 10.33 13.61
CA ALA B 105 -7.49 10.97 14.90
C ALA B 105 -8.87 10.62 15.45
N GLU B 106 -9.87 10.49 14.57
CA GLU B 106 -11.20 10.11 15.02
C GLU B 106 -11.22 8.66 15.50
N CYS B 107 -10.44 7.78 14.88
CA CYS B 107 -10.39 6.39 15.33
C CYS B 107 -9.77 6.28 16.71
N ARG B 108 -8.74 7.08 16.99
CA ARG B 108 -8.12 7.03 18.31
C ARG B 108 -9.08 7.49 19.40
N GLU B 109 -9.87 8.53 19.11
CA GLU B 109 -10.86 8.99 20.09
C GLU B 109 -11.94 7.95 20.32
N GLU B 110 -12.26 7.15 19.31
CA GLU B 110 -13.31 6.14 19.46
C GLU B 110 -12.79 4.90 20.18
N GLU B 111 -11.57 4.46 19.88
CA GLU B 111 -11.03 3.28 20.55
C GLU B 111 -10.56 3.60 21.96
N GLY B 112 -10.17 4.85 22.22
CA GLY B 112 -9.70 5.24 23.54
C GLY B 112 -8.25 4.95 23.82
N LYS B 113 -7.55 4.25 22.93
CA LYS B 113 -6.14 3.94 23.10
C LYS B 113 -5.36 4.37 21.87
N PRO B 114 -4.07 4.65 22.02
CA PRO B 114 -3.27 5.06 20.87
C PRO B 114 -2.92 3.91 19.95
N PHE B 115 -2.89 4.21 18.65
CA PHE B 115 -2.41 3.29 17.62
C PHE B 115 -3.19 1.98 17.61
N GLY B 116 -4.52 2.08 17.65
CA GLY B 116 -5.36 0.93 17.38
C GLY B 116 -5.27 0.50 15.93
N ASP B 117 -5.90 -0.64 15.64
CA ASP B 117 -5.86 -1.17 14.28
C ASP B 117 -6.51 -0.21 13.30
N ASN B 118 -7.64 0.40 13.68
CA ASN B 118 -8.31 1.34 12.77
C ASN B 118 -7.46 2.57 12.54
N GLU B 119 -6.90 3.15 13.61
CA GLU B 119 -6.05 4.32 13.47
C GLU B 119 -4.85 4.02 12.59
N LEU B 120 -4.24 2.84 12.76
CA LEU B 120 -3.07 2.51 11.97
C LEU B 120 -3.40 2.39 10.49
N GLU B 121 -4.58 1.84 10.16
CA GLU B 121 -4.97 1.73 8.76
C GLU B 121 -5.04 3.11 8.10
N PHE B 122 -5.67 4.07 8.77
CA PHE B 122 -5.76 5.41 8.20
C PHE B 122 -4.41 6.11 8.18
N LEU B 123 -3.55 5.84 9.17
CA LEU B 123 -2.20 6.41 9.13
C LEU B 123 -1.42 5.87 7.94
N LYS B 124 -1.60 4.59 7.60
CA LYS B 124 -0.95 4.03 6.43
C LYS B 124 -1.49 4.66 5.15
N LYS B 125 -2.80 4.87 5.08
CA LYS B 125 -3.38 5.57 3.93
C LYS B 125 -2.87 7.01 3.86
N SER B 126 -2.77 7.68 5.01
CA SER B 126 -2.26 9.05 5.03
C SER B 126 -0.79 9.09 4.64
N ALA B 127 0.00 8.12 5.10
CA ALA B 127 1.42 8.08 4.73
C ALA B 127 1.60 7.70 3.27
N TYR B 128 0.66 6.92 2.70
CA TYR B 128 0.73 6.65 1.26
C TYR B 128 0.63 7.92 0.45
N GLN B 129 -0.07 8.93 0.97
CA GLN B 129 -0.11 10.26 0.37
C GLN B 129 1.03 11.15 0.87
N HIS B 130 1.98 10.58 1.63
CA HIS B 130 3.18 11.28 2.08
C HIS B 130 2.86 12.45 3.00
N CYS B 131 1.83 12.29 3.82
CA CYS B 131 1.46 13.34 4.77
C CYS B 131 2.47 13.37 5.91
N PHE B 132 2.95 14.57 6.24
CA PHE B 132 3.94 14.72 7.31
C PHE B 132 3.36 14.28 8.65
N TYR B 133 2.08 14.58 8.88
CA TYR B 133 1.46 14.18 10.14
C TYR B 133 1.47 12.67 10.31
N ALA B 134 1.27 11.94 9.22
CA ALA B 134 1.27 10.47 9.29
C ALA B 134 2.67 9.94 9.54
N TYR B 135 3.66 10.44 8.80
CA TYR B 135 5.04 10.01 9.01
C TYR B 135 5.50 10.31 10.43
N ASN B 136 5.11 11.46 10.97
CA ASN B 136 5.48 11.80 12.34
C ASN B 136 4.81 10.86 13.34
N SER B 137 3.51 10.59 13.15
CA SER B 137 2.79 9.74 14.10
C SER B 137 3.23 8.28 13.96
N LEU B 138 3.49 7.83 12.72
CA LEU B 138 3.91 6.44 12.53
C LEU B 138 5.30 6.19 13.10
N SER B 139 6.19 7.19 13.01
CA SER B 139 7.53 7.02 13.57
C SER B 139 7.48 6.95 15.10
N THR B 140 6.55 7.67 15.73
CA THR B 140 6.35 7.52 17.16
C THR B 140 5.82 6.13 17.49
N TRP B 141 4.89 5.62 16.67
CA TRP B 141 4.37 4.28 16.85
C TRP B 141 5.47 3.23 16.77
N ALA B 142 6.31 3.31 15.73
CA ALA B 142 7.37 2.33 15.58
C ALA B 142 8.45 2.49 16.63
N TYR B 143 8.67 3.72 17.11
CA TYR B 143 9.68 3.93 18.15
C TYR B 143 9.25 3.30 19.46
N GLU B 144 7.98 3.44 19.84
CA GLU B 144 7.50 2.82 21.06
C GLU B 144 7.50 1.29 20.94
N LYS B 145 7.24 0.76 19.74
CA LYS B 145 7.41 -0.67 19.52
C LYS B 145 8.87 -1.08 19.73
N TYR B 146 9.80 -0.29 19.19
CA TYR B 146 11.21 -0.57 19.38
C TYR B 146 11.60 -0.44 20.85
N LYS B 147 11.06 0.57 21.53
CA LYS B 147 11.43 0.82 22.92
C LYS B 147 10.99 -0.31 23.84
N GLY B 149 10.88 -3.43 23.14
CA GLY B 149 11.66 -4.64 22.95
C GLY B 149 11.76 -5.16 21.53
N LEU B 150 10.94 -4.68 20.61
CA LEU B 150 10.94 -5.18 19.24
C LEU B 150 12.04 -4.46 18.46
N ASN B 151 13.19 -5.13 18.32
CA ASN B 151 14.40 -4.48 17.81
C ASN B 151 14.21 -3.96 16.39
N ASP B 152 13.64 -4.78 15.51
CA ASP B 152 13.60 -4.41 14.10
C ASP B 152 12.60 -3.27 13.80
N TYR B 153 11.84 -2.81 14.79
CA TYR B 153 10.97 -1.67 14.58
C TYR B 153 11.72 -0.34 14.57
N SER B 154 12.99 -0.32 15.01
CA SER B 154 13.79 0.88 14.82
C SER B 154 14.02 1.16 13.35
N LEU B 155 13.96 0.12 12.50
CA LEU B 155 14.08 0.32 11.06
C LEU B 155 12.91 1.12 10.52
N LEU B 156 11.69 0.79 10.94
CA LEU B 156 10.52 1.54 10.49
C LEU B 156 10.53 2.96 11.03
N THR B 157 10.98 3.14 12.28
CA THR B 157 11.04 4.47 12.88
C THR B 157 11.88 5.42 12.02
N LEU B 158 13.04 4.95 11.58
CA LEU B 158 13.91 5.79 10.77
C LEU B 158 13.41 5.90 9.33
N HIS B 159 12.77 4.85 8.82
CA HIS B 159 12.22 4.91 7.46
C HIS B 159 11.13 5.97 7.36
N TYR B 160 10.24 6.03 8.35
CA TYR B 160 9.16 7.02 8.30
C TYR B 160 9.70 8.44 8.39
N ALA B 161 10.71 8.65 9.24
CA ALA B 161 11.33 9.97 9.33
C ALA B 161 12.12 10.28 8.06
N GLN B 162 12.71 9.28 7.43
CA GLN B 162 13.43 9.50 6.18
C GLN B 162 12.48 9.88 5.06
N LYS B 163 11.30 9.26 5.01
CA LYS B 163 10.30 9.64 4.03
C LYS B 163 9.82 11.06 4.24
N ALA B 164 9.73 11.52 5.49
CA ALA B 164 9.35 12.89 5.74
C ALA B 164 10.39 13.87 5.17
N CYS B 165 11.66 13.45 5.11
CA CYS B 165 12.69 14.30 4.54
C CYS B 165 12.51 14.46 3.04
N GLN B 166 11.97 13.45 2.37
CA GLN B 166 11.84 13.50 0.92
C GLN B 166 10.79 14.50 0.45
N TYR B 167 9.86 14.90 1.32
CA TYR B 167 8.73 15.72 0.89
C TYR B 167 8.48 16.94 1.75
N HIS B 168 9.11 17.09 2.92
CA HIS B 168 8.66 18.12 3.86
C HIS B 168 9.80 18.99 4.39
N TRP B 169 10.91 19.10 3.65
CA TRP B 169 11.89 20.18 3.80
C TRP B 169 12.39 20.23 5.25
N THR B 170 12.34 21.39 5.92
CA THR B 170 12.94 21.52 7.25
C THR B 170 12.22 20.69 8.30
N PRO B 171 10.89 20.73 8.44
CA PRO B 171 10.25 19.88 9.44
C PRO B 171 10.52 18.40 9.22
N GLY B 172 10.72 17.97 7.97
CA GLY B 172 11.06 16.59 7.71
C GLY B 172 12.42 16.21 8.28
N TYR B 173 13.43 17.04 8.01
CA TYR B 173 14.76 16.75 8.53
C TYR B 173 14.84 16.92 10.03
N LEU B 174 14.02 17.82 10.60
CA LEU B 174 13.95 17.92 12.05
C LEU B 174 13.37 16.66 12.67
N LEU B 175 12.40 16.04 11.99
CA LEU B 175 11.87 14.77 12.45
C LEU B 175 12.94 13.68 12.41
N PHE B 176 13.70 13.62 11.32
CA PHE B 176 14.80 12.67 11.21
C PHE B 176 15.86 12.95 12.28
N TYR B 177 16.13 14.22 12.54
CA TYR B 177 17.11 14.57 13.57
C TYR B 177 16.64 14.13 14.95
N LYS B 178 15.38 14.44 15.29
CA LYS B 178 14.86 14.02 16.59
C LYS B 178 14.73 12.50 16.69
N THR B 179 14.46 11.83 15.57
CA THR B 179 14.38 10.38 15.59
C THR B 179 15.73 9.75 15.91
N CYS B 180 16.81 10.29 15.34
CA CYS B 180 18.14 9.78 15.63
C CYS B 180 18.51 9.99 17.09
N LEU B 181 18.09 11.13 17.68
CA LEU B 181 18.35 11.36 19.09
C LEU B 181 17.64 10.32 19.95
N ASN B 182 16.37 10.02 19.62
CA ASN B 182 15.63 9.02 20.39
C ASN B 182 16.22 7.63 20.21
N LEU B 183 16.77 7.32 19.03
CA LEU B 183 17.42 6.03 18.84
C LEU B 183 18.77 5.99 19.56
N ALA B 184 19.46 7.13 19.65
CA ALA B 184 20.72 7.18 20.38
C ALA B 184 20.53 6.92 21.86
N ILE B 185 19.40 7.36 22.43
CA ILE B 185 19.14 7.16 23.85
C ILE B 185 19.08 5.68 24.18
N LEU B 186 18.52 4.88 23.27
CA LEU B 186 18.36 3.44 23.50
C LEU B 186 19.52 2.62 22.95
N SER B 187 20.49 3.25 22.31
CA SER B 187 21.61 2.53 21.72
C SER B 187 22.79 2.46 22.69
N ASN B 188 23.57 1.39 22.58
CA ASN B 188 24.79 1.22 23.36
C ASN B 188 26.02 1.73 22.63
N ALA B 189 25.92 2.01 21.34
CA ALA B 189 26.98 2.68 20.58
C ALA B 189 26.34 3.85 19.84
N PRO B 190 25.92 4.89 20.57
CA PRO B 190 25.09 5.94 19.99
C PRO B 190 25.83 6.96 19.13
N SER B 191 27.12 6.76 18.86
CA SER B 191 27.90 7.76 18.14
C SER B 191 27.35 7.97 16.73
N LEU B 192 27.09 6.87 16.01
CA LEU B 192 26.57 6.99 14.66
C LEU B 192 25.20 7.65 14.64
N SER B 193 24.38 7.40 15.67
CA SER B 193 23.07 8.03 15.73
C SER B 193 23.19 9.53 15.89
N TYR B 194 24.14 10.00 16.71
CA TYR B 194 24.33 11.44 16.88
C TYR B 194 24.95 12.06 15.64
N GLN B 195 25.85 11.34 14.97
CA GLN B 195 26.43 11.86 13.73
C GLN B 195 25.38 11.99 12.64
N GLU B 196 24.41 11.06 12.60
CA GLU B 196 23.32 11.18 11.64
C GLU B 196 22.34 12.27 12.06
N ALA B 197 22.13 12.44 13.37
CA ALA B 197 21.27 13.50 13.84
C ALA B 197 21.83 14.87 13.50
N LEU B 198 23.15 15.04 13.63
CA LEU B 198 23.77 16.33 13.33
C LEU B 198 23.62 16.70 11.86
N GLU B 199 23.86 15.74 10.96
CA GLU B 199 23.73 16.02 9.54
C GLU B 199 22.32 16.45 9.17
N ALA B 200 21.31 15.75 9.71
CA ALA B 200 19.93 16.13 9.42
C ALA B 200 19.58 17.47 10.06
N LEU B 201 20.14 17.75 11.24
CA LEU B 201 19.87 19.03 11.89
C LEU B 201 20.47 20.19 11.10
N LEU B 202 21.66 19.99 10.53
CA LEU B 202 22.29 21.04 9.73
C LEU B 202 21.53 21.25 8.43
N ILE B 203 21.11 20.16 7.78
CA ILE B 203 20.32 20.29 6.55
C ILE B 203 19.01 21.02 6.83
N ALA B 204 18.39 20.74 7.97
CA ALA B 204 17.14 21.40 8.32
C ALA B 204 17.33 22.90 8.46
N ARG B 205 18.49 23.33 8.95
CA ARG B 205 18.74 24.76 9.10
C ARG B 205 18.97 25.41 7.74
N LYS B 206 19.78 24.77 6.89
CA LYS B 206 20.12 25.32 5.58
C LYS B 206 18.93 25.37 4.64
N LEU B 207 17.83 24.70 4.96
CA LEU B 207 16.61 24.78 4.18
C LEU B 207 15.57 25.71 4.80
N SER B 208 15.80 26.18 6.02
CA SER B 208 14.76 26.85 6.80
C SER B 208 14.31 28.19 6.22
N GLU B 209 15.05 28.75 5.26
CA GLU B 209 14.70 30.06 4.71
C GLU B 209 14.20 29.97 3.27
N HIS B 210 14.03 28.77 2.73
CA HIS B 210 13.41 28.62 1.42
C HIS B 210 11.90 28.77 1.55
N GLN B 211 11.28 29.32 0.51
CA GLN B 211 9.85 29.61 0.56
C GLN B 211 9.04 28.32 0.74
N TYR B 212 9.39 27.28 -0.02
CA TYR B 212 8.66 26.01 0.10
C TYR B 212 8.83 25.40 1.48
N SER B 213 10.01 25.57 2.09
CA SER B 213 10.24 25.04 3.43
C SER B 213 9.52 25.86 4.48
N ILE B 214 9.44 27.18 4.29
CA ILE B 214 8.68 28.03 5.21
C ILE B 214 7.21 27.61 5.22
N SER B 215 6.68 27.23 4.06
CA SER B 215 5.33 26.70 4.01
C SER B 215 5.22 25.37 4.74
N ALA B 216 6.25 24.53 4.63
CA ALA B 216 6.25 23.26 5.36
C ALA B 216 6.27 23.49 6.86
N ILE B 217 7.00 24.51 7.32
CA ILE B 217 7.01 24.84 8.74
C ILE B 217 5.63 25.30 9.18
N ASN B 218 4.93 26.02 8.31
CA ASN B 218 3.57 26.46 8.62
C ASN B 218 2.63 25.27 8.80
N ASN B 219 2.66 24.32 7.85
CA ASN B 219 1.75 23.17 7.93
C ASN B 219 2.12 22.25 9.07
N ALA B 220 3.41 21.94 9.22
CA ALA B 220 3.82 20.91 10.18
C ALA B 220 3.56 21.33 11.62
N TYR B 221 3.66 22.62 11.93
CA TYR B 221 3.47 23.11 13.29
C TYR B 221 2.23 23.96 13.44
N PHE B 222 1.34 23.96 12.44
CA PHE B 222 0.05 24.64 12.51
C PHE B 222 0.21 26.13 12.83
N GLY B 223 1.16 26.76 12.14
CA GLY B 223 1.37 28.19 12.27
C GLY B 223 2.04 28.64 13.54
N LYS B 224 2.34 27.73 14.48
CA LYS B 224 2.92 28.11 15.76
C LYS B 224 4.44 28.29 15.70
N GLY B 225 5.06 28.04 14.54
CA GLY B 225 6.48 28.31 14.39
C GLY B 225 7.36 27.13 14.72
N LEU B 226 8.66 27.33 14.47
CA LEU B 226 9.64 26.28 14.66
C LEU B 226 9.98 26.07 16.14
N ILE B 227 9.92 27.11 16.95
CA ILE B 227 10.25 26.98 18.37
C ILE B 227 9.17 26.21 19.10
N HIS B 228 7.91 26.57 18.87
CA HIS B 228 6.78 25.89 19.51
C HIS B 228 6.30 24.72 18.66
N ILE B 234 13.60 21.89 20.12
CA ILE B 234 14.49 22.96 19.69
C ILE B 234 14.14 24.29 20.34
N GLU B 235 15.14 24.92 20.94
CA GLU B 235 15.01 26.28 21.46
C GLU B 235 15.83 27.29 20.69
N SER B 236 16.91 26.86 20.06
CA SER B 236 17.73 27.71 19.20
C SER B 236 18.54 26.80 18.28
N TRP B 237 18.80 27.29 17.07
CA TRP B 237 19.59 26.51 16.12
C TRP B 237 20.97 26.20 16.68
N ASP B 238 21.69 27.23 17.13
CA ASP B 238 23.06 27.03 17.61
C ASP B 238 23.09 26.18 18.88
N LYS B 239 22.10 26.32 19.75
CA LYS B 239 22.11 25.53 20.98
C LYS B 239 21.74 24.07 20.73
N ALA B 240 20.90 23.81 19.72
CA ALA B 240 20.58 22.42 19.38
C ALA B 240 21.74 21.74 18.67
N ILE B 241 22.47 22.48 17.84
CA ILE B 241 23.63 21.92 17.16
C ILE B 241 24.75 21.65 18.16
N SER B 242 25.00 22.60 19.07
CA SER B 242 26.08 22.44 20.03
C SER B 242 25.79 21.28 20.99
N GLU B 243 24.53 21.11 21.38
CA GLU B 243 24.19 20.04 22.31
C GLU B 243 24.29 18.67 21.65
N THR B 244 24.02 18.58 20.35
CA THR B 244 24.18 17.32 19.64
C THR B 244 25.65 16.93 19.54
N ILE B 245 26.52 17.91 19.29
CA ILE B 245 27.96 17.62 19.20
C ILE B 245 28.51 17.20 20.56
N ALA B 246 28.02 17.82 21.63
CA ALA B 246 28.51 17.47 22.97
C ALA B 246 27.99 16.11 23.42
N LYS B 247 26.68 15.88 23.29
CA LYS B 247 26.12 14.59 23.66
C LYS B 247 26.70 13.45 22.82
N GLY B 248 26.96 13.72 21.55
CA GLY B 248 27.46 12.69 20.66
C GLY B 248 28.93 12.40 20.75
N LYS B 249 29.70 13.24 21.44
CA LYS B 249 31.16 13.10 21.53
C LYS B 249 31.78 13.00 20.15
N ILE B 250 31.23 13.77 19.22
CA ILE B 250 31.65 13.72 17.82
C ILE B 250 33.05 14.31 17.72
N PRO B 251 34.04 13.55 17.25
CA PRO B 251 35.40 14.09 17.09
C PRO B 251 35.43 15.22 16.07
N SER B 252 36.43 16.09 16.23
CA SER B 252 36.53 17.28 15.39
C SER B 252 36.87 16.93 13.95
N THR B 253 37.53 15.79 13.72
CA THR B 253 37.86 15.40 12.35
C THR B 253 36.62 15.01 11.57
N LEU B 254 35.59 14.51 12.27
CA LEU B 254 34.34 14.14 11.61
C LEU B 254 33.41 15.32 11.40
N LEU B 255 33.61 16.41 12.15
CA LEU B 255 32.74 17.58 12.00
C LEU B 255 32.82 18.16 10.60
N ASN B 256 34.04 18.24 10.04
CA ASN B 256 34.20 18.82 8.72
C ASN B 256 33.50 17.99 7.65
N LYS B 257 33.52 16.67 7.79
CA LYS B 257 32.84 15.83 6.81
C LYS B 257 31.33 15.91 6.96
N ILE B 258 30.83 16.09 8.18
CA ILE B 258 29.39 16.19 8.39
C ILE B 258 28.87 17.54 7.88
N TYR B 259 29.60 18.62 8.18
CA TYR B 259 29.20 19.94 7.69
C TYR B 259 29.24 20.00 6.16
N ASP B 260 30.22 19.31 5.56
CA ASP B 260 30.31 19.32 4.10
C ASP B 260 29.23 18.44 3.47
N LYS B 261 28.92 17.31 4.10
CA LYS B 261 27.83 16.46 3.59
C LYS B 261 26.49 17.18 3.68
N ALA B 262 26.25 17.91 4.77
CA ALA B 262 25.02 18.67 4.89
C ALA B 262 24.95 19.82 3.90
N SER B 263 26.11 20.39 3.54
CA SER B 263 26.12 21.50 2.60
C SER B 263 25.79 21.02 1.18
N GLU B 264 26.45 19.96 0.73
CA GLU B 264 26.22 19.48 -0.63
C GLU B 264 24.82 18.93 -0.82
N LYS B 265 24.23 18.34 0.23
CA LYS B 265 22.90 17.80 0.11
C LYS B 265 21.83 18.89 0.19
N ALA B 266 22.04 19.89 1.05
CA ALA B 266 21.11 21.00 1.11
C ALA B 266 21.19 21.85 -0.16
N LYS B 267 22.39 22.01 -0.72
CA LYS B 267 22.54 22.78 -1.95
C LYS B 267 21.87 22.07 -3.12
N GLY B 268 22.02 20.74 -3.20
CA GLY B 268 21.34 20.00 -4.25
C GLY B 268 19.84 20.09 -4.17
N ILE B 269 19.30 20.27 -2.96
CA ILE B 269 17.85 20.45 -2.80
C ILE B 269 17.45 21.84 -3.25
N LEU B 270 18.18 22.87 -2.80
CA LEU B 270 17.84 24.25 -3.13
C LEU B 270 18.04 24.55 -4.61
N ASP B 271 18.89 23.79 -5.31
CA ASP B 271 19.11 24.05 -6.73
C ASP B 271 17.99 23.48 -7.59
N GLU B 272 17.43 22.33 -7.19
CA GLU B 272 16.34 21.73 -7.95
C GLU B 272 15.08 22.59 -7.89
N PHE B 273 14.90 23.35 -6.81
CA PHE B 273 13.74 24.22 -6.65
C PHE B 273 14.21 25.67 -6.65
N THR B 274 14.60 26.14 -7.83
CA THR B 274 15.09 27.50 -7.98
C THR B 274 14.04 28.40 -8.63
N SER C 14 -56.31 -19.45 -14.12
CA SER C 14 -54.90 -19.42 -13.76
C SER C 14 -54.12 -18.48 -14.67
N GLU C 15 -53.27 -17.64 -14.07
CA GLU C 15 -52.46 -16.72 -14.85
C GLU C 15 -51.41 -17.46 -15.65
N LEU C 16 -50.81 -18.51 -15.07
CA LEU C 16 -49.84 -19.31 -15.81
C LEU C 16 -50.48 -20.05 -16.97
N LYS C 17 -51.74 -20.47 -16.81
CA LYS C 17 -52.44 -21.12 -17.90
C LYS C 17 -52.79 -20.13 -19.00
N LYS C 18 -53.27 -18.94 -18.64
CA LYS C 18 -53.68 -17.97 -19.64
C LYS C 18 -52.51 -17.45 -20.46
N ILE C 19 -51.32 -17.36 -19.86
CA ILE C 19 -50.15 -16.94 -20.61
C ILE C 19 -49.76 -18.00 -21.63
N ASN C 20 -49.84 -19.28 -21.25
CA ASN C 20 -49.49 -20.36 -22.17
C ASN C 20 -50.43 -20.39 -23.36
N ILE C 21 -51.68 -19.95 -23.18
CA ILE C 21 -52.63 -19.91 -24.29
C ILE C 21 -52.14 -18.97 -25.37
N ILE C 22 -51.73 -17.76 -24.98
CA ILE C 22 -51.23 -16.79 -25.95
C ILE C 22 -49.86 -17.20 -26.46
N GLU C 23 -49.02 -17.75 -25.59
CA GLU C 23 -47.68 -18.20 -26.01
C GLU C 23 -47.78 -19.26 -27.09
N ASN C 24 -48.66 -20.25 -26.90
CA ASN C 24 -48.78 -21.33 -27.87
C ASN C 24 -49.36 -20.84 -29.19
N LEU C 25 -50.29 -19.89 -29.14
CA LEU C 25 -50.84 -19.33 -30.37
C LEU C 25 -49.75 -18.65 -31.19
N ILE C 26 -48.82 -17.96 -30.53
CA ILE C 26 -47.73 -17.30 -31.24
C ILE C 26 -46.78 -18.34 -31.82
N LYS C 27 -46.51 -19.42 -31.07
CA LYS C 27 -45.63 -20.46 -31.57
C LYS C 27 -46.26 -21.27 -32.69
N GLU C 28 -47.58 -21.48 -32.64
CA GLU C 28 -48.30 -22.17 -33.71
C GLU C 28 -48.56 -21.28 -34.92
N ASN C 29 -48.00 -20.07 -34.93
CA ASN C 29 -48.13 -19.10 -36.02
C ASN C 29 -49.57 -18.64 -36.23
N ASN C 30 -50.41 -18.76 -35.20
CA ASN C 30 -51.76 -18.18 -35.23
C ASN C 30 -51.68 -16.73 -34.73
N PHE C 31 -51.03 -15.89 -35.54
CA PHE C 31 -50.75 -14.52 -35.13
C PHE C 31 -52.03 -13.71 -34.99
N ALA C 32 -53.00 -13.91 -35.90
CA ALA C 32 -54.26 -13.18 -35.81
C ALA C 32 -55.03 -13.57 -34.56
N ARG C 33 -54.97 -14.85 -34.18
CA ARG C 33 -55.69 -15.29 -33.00
C ARG C 33 -55.04 -14.78 -31.72
N ALA C 34 -53.71 -14.78 -31.67
CA ALA C 34 -53.00 -14.24 -30.52
C ALA C 34 -53.21 -12.73 -30.40
N LYS C 35 -53.13 -12.03 -31.54
CA LYS C 35 -53.37 -10.59 -31.54
C LYS C 35 -54.80 -10.26 -31.12
N LEU C 37 -56.70 -12.00 -28.97
CA LEU C 37 -56.85 -12.15 -27.53
C LEU C 37 -56.07 -11.09 -26.76
N LEU C 38 -54.91 -10.70 -27.29
CA LEU C 38 -54.12 -9.65 -26.63
C LEU C 38 -54.87 -8.32 -26.61
N ASN C 39 -55.66 -8.03 -27.65
CA ASN C 39 -56.45 -6.81 -27.67
C ASN C 39 -57.58 -6.83 -26.66
N ASN C 40 -58.04 -8.01 -26.25
CA ASN C 40 -59.10 -8.08 -25.24
C ASN C 40 -58.59 -7.78 -23.85
N LEU C 41 -57.29 -7.88 -23.63
CA LEU C 41 -56.73 -7.70 -22.30
C LEU C 41 -56.79 -6.25 -21.86
N ASP C 42 -56.94 -6.05 -20.56
CA ASP C 42 -56.70 -4.74 -19.97
C ASP C 42 -55.21 -4.44 -20.01
N LEU C 43 -54.88 -3.14 -19.97
CA LEU C 43 -53.48 -2.74 -20.11
C LEU C 43 -52.61 -3.31 -19.00
N THR C 44 -53.17 -3.44 -17.79
CA THR C 44 -52.41 -4.01 -16.68
C THR C 44 -51.98 -5.44 -16.98
N THR C 45 -52.93 -6.25 -17.48
CA THR C 45 -52.62 -7.65 -17.75
C THR C 45 -51.72 -7.79 -18.98
N LEU C 46 -51.92 -6.94 -19.99
CA LEU C 46 -51.07 -6.99 -21.19
C LEU C 46 -49.61 -6.71 -20.82
N ILE C 47 -49.37 -5.68 -20.01
CA ILE C 47 -48.00 -5.36 -19.62
C ILE C 47 -47.42 -6.47 -18.75
N LYS C 48 -48.23 -7.04 -17.85
CA LYS C 48 -47.77 -8.14 -17.02
C LYS C 48 -47.33 -9.32 -17.87
N TYR C 49 -48.05 -9.62 -18.95
CA TYR C 49 -47.70 -10.74 -19.81
C TYR C 49 -46.38 -10.47 -20.54
N THR C 50 -46.15 -9.23 -20.96
CA THR C 50 -44.89 -8.91 -21.64
C THR C 50 -43.70 -9.05 -20.71
N GLU C 51 -43.89 -8.86 -19.41
CA GLU C 51 -42.78 -8.99 -18.46
C GLU C 51 -42.50 -10.45 -18.12
N LEU C 52 -43.51 -11.31 -18.16
CA LEU C 52 -43.35 -12.71 -17.78
C LEU C 52 -43.06 -13.62 -18.96
N SER C 53 -43.31 -13.19 -20.19
CA SER C 53 -43.21 -14.04 -21.37
C SER C 53 -42.31 -13.39 -22.41
N LYS C 54 -41.18 -14.03 -22.69
CA LYS C 54 -40.34 -13.56 -23.79
C LYS C 54 -41.03 -13.74 -25.14
N THR C 55 -41.82 -14.79 -25.28
CA THR C 55 -42.54 -15.01 -26.54
C THR C 55 -43.55 -13.89 -26.79
N ILE C 56 -44.28 -13.47 -25.75
CA ILE C 56 -45.31 -12.46 -25.93
C ILE C 56 -44.70 -11.08 -26.16
N THR C 57 -43.65 -10.73 -25.42
CA THR C 57 -43.11 -9.38 -25.53
C THR C 57 -42.42 -9.18 -26.88
N ASP C 58 -41.78 -10.21 -27.41
CA ASP C 58 -41.16 -10.09 -28.74
C ASP C 58 -42.22 -9.97 -29.82
N PHE C 59 -43.34 -10.66 -29.66
CA PHE C 59 -44.45 -10.53 -30.60
C PHE C 59 -45.07 -9.14 -30.51
N CYS C 60 -45.20 -8.60 -29.29
CA CYS C 60 -45.82 -7.29 -29.11
C CYS C 60 -44.91 -6.14 -29.53
N GLU C 61 -43.63 -6.40 -29.77
CA GLU C 61 -42.70 -5.35 -30.18
C GLU C 61 -42.50 -5.27 -31.69
N GLU C 62 -43.03 -6.23 -32.44
CA GLU C 62 -42.93 -6.18 -33.89
C GLU C 62 -43.80 -5.06 -34.44
N ALA C 63 -43.53 -4.70 -35.70
CA ALA C 63 -44.19 -3.54 -36.30
C ALA C 63 -45.69 -3.76 -36.44
N GLU C 64 -46.11 -4.97 -36.81
CA GLU C 64 -47.52 -5.24 -37.04
C GLU C 64 -48.35 -5.30 -35.77
N GLN C 65 -47.72 -5.25 -34.60
CA GLN C 65 -48.44 -5.24 -33.33
C GLN C 65 -48.46 -3.87 -32.67
N ALA C 66 -47.98 -2.84 -33.36
CA ALA C 66 -47.96 -1.50 -32.78
C ALA C 66 -49.37 -0.96 -32.56
N ASP C 67 -50.34 -1.43 -33.35
CA ASP C 67 -51.72 -0.98 -33.18
C ASP C 67 -52.31 -1.42 -31.84
N ILE C 68 -51.78 -2.48 -31.24
CA ILE C 68 -52.22 -2.89 -29.92
C ILE C 68 -51.94 -1.77 -28.91
N TRP C 69 -50.74 -1.18 -28.98
CA TRP C 69 -50.37 -0.12 -28.05
C TRP C 69 -51.06 1.19 -28.39
N ARG C 70 -51.28 1.47 -29.68
CA ARG C 70 -51.94 2.71 -30.07
C ARG C 70 -53.38 2.76 -29.56
N THR C 71 -54.05 1.60 -29.53
CA THR C 71 -55.38 1.53 -28.95
C THR C 71 -55.37 1.94 -27.49
N HIS C 72 -54.37 1.47 -26.73
CA HIS C 72 -54.26 1.87 -25.34
C HIS C 72 -53.84 3.33 -25.20
N LEU C 73 -52.97 3.81 -26.10
CA LEU C 73 -52.55 5.20 -26.06
C LEU C 73 -53.74 6.13 -26.29
N GLN C 74 -54.62 5.77 -27.22
CA GLN C 74 -55.78 6.61 -27.51
C GLN C 74 -56.83 6.56 -26.40
N ASN C 75 -56.76 5.54 -25.53
CA ASN C 75 -57.64 5.51 -24.37
C ASN C 75 -57.18 6.45 -23.26
N PHE C 76 -55.92 6.91 -23.31
CA PHE C 76 -55.45 7.91 -22.36
C PHE C 76 -55.87 9.32 -22.73
N ASN C 77 -56.32 9.54 -23.96
CA ASN C 77 -56.66 10.87 -24.43
C ASN C 77 -57.99 11.32 -23.84
N GLU C 78 -58.07 12.62 -23.51
CA GLU C 78 -59.28 13.25 -23.02
C GLU C 78 -59.87 14.12 -24.13
N GLU C 79 -60.72 15.07 -23.73
CA GLU C 79 -61.38 15.93 -24.72
C GLU C 79 -60.44 17.01 -25.23
N HIS C 80 -59.63 17.60 -24.35
CA HIS C 80 -58.78 18.73 -24.70
C HIS C 80 -57.30 18.37 -24.60
N PHE C 81 -56.96 17.10 -24.74
CA PHE C 81 -55.56 16.68 -24.79
C PHE C 81 -55.48 15.27 -25.37
N SER C 82 -54.48 15.07 -26.24
CA SER C 82 -54.22 13.77 -26.84
C SER C 82 -52.73 13.56 -26.94
N PHE C 83 -52.25 12.39 -26.51
CA PHE C 83 -50.84 12.07 -26.61
C PHE C 83 -50.42 11.93 -28.06
N GLU C 84 -49.15 12.23 -28.33
CA GLU C 84 -48.58 12.14 -29.66
C GLU C 84 -47.33 11.29 -29.62
N GLU C 85 -47.05 10.61 -30.73
CA GLU C 85 -45.88 9.76 -30.85
C GLU C 85 -44.75 10.49 -31.55
N TYR C 86 -43.51 10.21 -31.14
CA TYR C 86 -42.35 10.80 -31.76
C TYR C 86 -41.12 9.96 -31.46
N PRO C 87 -40.21 9.80 -32.42
CA PRO C 87 -38.97 9.04 -32.17
C PRO C 87 -38.13 9.75 -31.12
N PRO C 88 -37.15 9.06 -30.51
CA PRO C 88 -36.76 7.67 -30.77
C PRO C 88 -37.55 6.62 -30.00
N LEU C 89 -38.50 7.03 -29.17
CA LEU C 89 -39.25 6.08 -28.36
C LEU C 89 -40.33 5.38 -29.18
N THR C 90 -40.49 4.08 -28.95
CA THR C 90 -41.52 3.32 -29.62
C THR C 90 -42.86 3.51 -28.91
N VAL C 91 -43.93 3.03 -29.54
CA VAL C 91 -45.26 3.26 -29.01
C VAL C 91 -45.48 2.45 -27.73
N SER C 92 -44.83 1.29 -27.60
CA SER C 92 -45.00 0.50 -26.39
C SER C 92 -44.27 1.16 -25.21
N GLN C 93 -43.08 1.70 -25.45
CA GLN C 93 -42.39 2.45 -24.41
C GLN C 93 -43.22 3.66 -23.97
N LEU C 94 -43.88 4.32 -24.92
CA LEU C 94 -44.73 5.45 -24.57
C LEU C 94 -45.90 5.02 -23.70
N VAL C 95 -46.55 3.92 -24.08
CA VAL C 95 -47.73 3.46 -23.35
C VAL C 95 -47.34 2.91 -21.98
N LYS C 96 -46.30 2.07 -21.93
CA LYS C 96 -45.85 1.53 -20.66
C LYS C 96 -45.37 2.64 -19.73
N GLY C 97 -44.67 3.65 -20.27
CA GLY C 97 -44.20 4.74 -19.44
C GLY C 97 -45.33 5.54 -18.84
N ILE C 98 -46.39 5.80 -19.62
CA ILE C 98 -47.54 6.52 -19.11
C ILE C 98 -48.27 5.69 -18.05
N TYR C 99 -48.40 4.38 -18.30
CA TYR C 99 -49.10 3.52 -17.35
C TYR C 99 -48.35 3.45 -16.02
N PHE C 100 -47.05 3.15 -16.06
CA PHE C 100 -46.27 3.03 -14.84
C PHE C 100 -46.23 4.36 -14.08
N TYR C 101 -46.20 5.48 -14.78
CA TYR C 101 -46.24 6.77 -14.11
C TYR C 101 -47.60 7.00 -13.44
N GLY C 102 -48.68 6.59 -14.09
CA GLY C 102 -49.99 6.69 -13.47
C GLY C 102 -50.10 5.84 -12.21
N GLN C 103 -49.50 4.65 -12.24
CA GLN C 103 -49.47 3.81 -11.05
C GLN C 103 -48.68 4.48 -9.93
N ALA C 104 -47.61 5.19 -10.29
CA ALA C 104 -46.84 5.92 -9.29
C ALA C 104 -47.67 7.02 -8.65
N ALA C 105 -48.46 7.73 -9.46
CA ALA C 105 -49.31 8.78 -8.92
C ALA C 105 -50.37 8.20 -7.98
N GLU C 106 -50.86 7.00 -8.27
CA GLU C 106 -51.83 6.37 -7.39
C GLU C 106 -51.18 5.96 -6.07
N CYS C 107 -49.91 5.53 -6.11
CA CYS C 107 -49.22 5.17 -4.89
C CYS C 107 -49.00 6.38 -3.99
N ARG C 108 -48.67 7.54 -4.58
CA ARG C 108 -48.52 8.74 -3.78
C ARG C 108 -49.84 9.13 -3.12
N GLU C 109 -50.94 9.01 -3.85
CA GLU C 109 -52.24 9.34 -3.27
C GLU C 109 -52.61 8.41 -2.13
N GLU C 110 -52.18 7.14 -2.20
CA GLU C 110 -52.54 6.19 -1.16
C GLU C 110 -51.61 6.31 0.06
N GLU C 111 -50.31 6.54 -0.18
CA GLU C 111 -49.37 6.67 0.93
C GLU C 111 -49.50 8.02 1.64
N GLY C 112 -49.92 9.06 0.93
CA GLY C 112 -50.07 10.38 1.51
C GLY C 112 -48.82 11.22 1.54
N LYS C 113 -47.65 10.63 1.31
CA LYS C 113 -46.42 11.40 1.29
C LYS C 113 -45.74 11.29 -0.07
N PRO C 114 -44.91 12.26 -0.44
CA PRO C 114 -44.21 12.17 -1.73
C PRO C 114 -43.07 11.17 -1.69
N PHE C 115 -42.92 10.44 -2.80
CA PHE C 115 -41.77 9.56 -3.04
C PHE C 115 -41.66 8.46 -1.99
N GLY C 116 -42.77 7.75 -1.77
CA GLY C 116 -42.73 6.54 -0.99
C GLY C 116 -42.06 5.41 -1.76
N ASP C 117 -41.86 4.29 -1.06
CA ASP C 117 -41.19 3.16 -1.68
C ASP C 117 -41.97 2.62 -2.87
N ASN C 118 -43.30 2.55 -2.75
CA ASN C 118 -44.11 2.07 -3.86
C ASN C 118 -44.05 3.03 -5.04
N GLU C 119 -44.22 4.33 -4.79
CA GLU C 119 -44.16 5.31 -5.86
C GLU C 119 -42.81 5.27 -6.57
N LEU C 120 -41.72 5.24 -5.80
CA LEU C 120 -40.39 5.17 -6.40
C LEU C 120 -40.24 3.93 -7.26
N GLU C 121 -40.83 2.81 -6.84
CA GLU C 121 -40.72 1.57 -7.60
C GLU C 121 -41.37 1.71 -8.97
N PHE C 122 -42.55 2.32 -9.04
CA PHE C 122 -43.20 2.53 -10.33
C PHE C 122 -42.49 3.60 -11.14
N LEU C 123 -41.92 4.61 -10.49
CA LEU C 123 -41.16 5.62 -11.23
C LEU C 123 -39.94 5.01 -11.91
N LYS C 124 -39.29 4.05 -11.25
CA LYS C 124 -38.15 3.37 -11.87
C LYS C 124 -38.60 2.56 -13.08
N LYS C 125 -39.72 1.85 -12.97
CA LYS C 125 -40.23 1.10 -14.11
C LYS C 125 -40.66 2.04 -15.23
N SER C 126 -41.24 3.18 -14.86
CA SER C 126 -41.61 4.17 -15.87
C SER C 126 -40.38 4.78 -16.53
N ALA C 127 -39.33 5.06 -15.73
CA ALA C 127 -38.09 5.58 -16.30
C ALA C 127 -37.37 4.54 -17.14
N TYR C 128 -37.55 3.25 -16.81
CA TYR C 128 -36.99 2.19 -17.65
C TYR C 128 -37.58 2.24 -19.04
N GLN C 129 -38.83 2.68 -19.18
CA GLN C 129 -39.44 2.94 -20.48
C GLN C 129 -39.17 4.34 -20.98
N HIS C 130 -38.29 5.08 -20.29
CA HIS C 130 -37.83 6.41 -20.73
C HIS C 130 -38.96 7.42 -20.77
N CYS C 131 -39.91 7.32 -19.84
CA CYS C 131 -41.00 8.28 -19.77
C CYS C 131 -40.49 9.61 -19.23
N PHE C 132 -40.83 10.70 -19.93
CA PHE C 132 -40.39 12.02 -19.51
C PHE C 132 -40.93 12.37 -18.13
N TYR C 133 -42.18 11.99 -17.84
CA TYR C 133 -42.77 12.26 -16.54
C TYR C 133 -41.95 11.61 -15.42
N ALA C 134 -41.47 10.40 -15.66
CA ALA C 134 -40.69 9.70 -14.64
C ALA C 134 -39.34 10.38 -14.43
N TYR C 135 -38.64 10.72 -15.52
CA TYR C 135 -37.36 11.40 -15.40
C TYR C 135 -37.52 12.74 -14.69
N ASN C 136 -38.60 13.46 -14.98
CA ASN C 136 -38.84 14.74 -14.32
C ASN C 136 -39.09 14.55 -12.83
N SER C 137 -39.94 13.58 -12.48
CA SER C 137 -40.27 13.37 -11.08
C SER C 137 -39.09 12.78 -10.31
N LEU C 138 -38.30 11.91 -10.96
CA LEU C 138 -37.15 11.31 -10.29
C LEU C 138 -36.04 12.33 -10.05
N SER C 139 -35.85 13.27 -10.98
CA SER C 139 -34.84 14.31 -10.77
C SER C 139 -35.23 15.24 -9.64
N THR C 140 -36.53 15.53 -9.49
CA THR C 140 -37.01 16.27 -8.33
C THR C 140 -36.76 15.48 -7.05
N TRP C 141 -36.99 14.17 -7.09
CA TRP C 141 -36.72 13.32 -5.92
C TRP C 141 -35.24 13.36 -5.55
N ALA C 142 -34.35 13.21 -6.54
CA ALA C 142 -32.93 13.21 -6.25
C ALA C 142 -32.45 14.60 -5.83
N TYR C 143 -33.08 15.66 -6.33
CA TYR C 143 -32.67 17.01 -5.98
C TYR C 143 -33.01 17.33 -4.53
N GLU C 144 -34.19 16.93 -4.07
CA GLU C 144 -34.55 17.14 -2.67
C GLU C 144 -33.66 16.33 -1.74
N LYS C 145 -33.28 15.13 -2.16
CA LYS C 145 -32.29 14.35 -1.40
C LYS C 145 -30.97 15.09 -1.32
N TYR C 146 -30.52 15.65 -2.45
CA TYR C 146 -29.28 16.41 -2.47
C TYR C 146 -29.40 17.67 -1.63
N LYS C 147 -30.55 18.34 -1.69
CA LYS C 147 -30.73 19.59 -0.97
C LYS C 147 -30.70 19.39 0.53
N GLY C 149 -28.90 17.32 2.15
CA GLY C 149 -27.55 17.00 2.63
C GLY C 149 -26.84 15.83 1.98
N LEU C 150 -27.56 15.00 1.22
CA LEU C 150 -26.95 13.83 0.58
C LEU C 150 -26.26 14.27 -0.71
N ASN C 151 -24.94 14.47 -0.63
CA ASN C 151 -24.20 15.14 -1.70
C ASN C 151 -24.29 14.37 -3.01
N ASP C 152 -24.07 13.05 -2.95
CA ASP C 152 -23.95 12.28 -4.19
C ASP C 152 -25.26 12.12 -4.94
N TYR C 153 -26.38 12.58 -4.38
CA TYR C 153 -27.64 12.54 -5.10
C TYR C 153 -27.75 13.61 -6.17
N SER C 154 -26.85 14.61 -6.17
CA SER C 154 -26.80 15.54 -7.29
C SER C 154 -26.41 14.82 -8.58
N LEU C 155 -25.68 13.71 -8.46
CA LEU C 155 -25.34 12.91 -9.64
C LEU C 155 -26.58 12.32 -10.27
N LEU C 156 -27.50 11.78 -9.45
CA LEU C 156 -28.74 11.22 -9.97
C LEU C 156 -29.64 12.30 -10.55
N THR C 157 -29.70 13.46 -9.89
CA THR C 157 -30.54 14.55 -10.39
C THR C 157 -30.17 14.92 -11.82
N LEU C 158 -28.87 15.06 -12.10
CA LEU C 158 -28.43 15.41 -13.44
C LEU C 158 -28.52 14.24 -14.40
N HIS C 159 -28.34 13.02 -13.90
CA HIS C 159 -28.44 11.84 -14.75
C HIS C 159 -29.86 11.67 -15.30
N TYR C 160 -30.87 11.88 -14.45
CA TYR C 160 -32.25 11.75 -14.90
C TYR C 160 -32.61 12.82 -15.92
N ALA C 161 -32.13 14.05 -15.69
CA ALA C 161 -32.37 15.11 -16.67
C ALA C 161 -31.62 14.86 -17.97
N GLN C 162 -30.45 14.21 -17.89
CA GLN C 162 -29.69 13.90 -19.09
C GLN C 162 -30.38 12.83 -19.91
N LYS C 163 -30.97 11.83 -19.25
CA LYS C 163 -31.71 10.80 -19.97
C LYS C 163 -32.92 11.40 -20.67
N ALA C 164 -33.55 12.42 -20.07
CA ALA C 164 -34.67 13.09 -20.73
C ALA C 164 -34.24 13.78 -22.01
N CYS C 165 -32.98 14.20 -22.08
CA CYS C 165 -32.48 14.83 -23.30
C CYS C 165 -32.32 13.82 -24.42
N GLN C 166 -32.08 12.55 -24.09
CA GLN C 166 -31.87 11.54 -25.13
C GLN C 166 -33.13 11.24 -25.90
N TYR C 167 -34.31 11.43 -25.29
CA TYR C 167 -35.54 10.96 -25.88
C TYR C 167 -36.64 12.00 -26.03
N HIS C 168 -36.52 13.18 -25.42
CA HIS C 168 -37.67 14.08 -25.33
C HIS C 168 -37.37 15.49 -25.81
N TRP C 169 -36.35 15.67 -26.65
CA TRP C 169 -36.19 16.86 -27.51
C TRP C 169 -36.18 18.12 -26.65
N THR C 170 -37.02 19.12 -26.93
CA THR C 170 -36.93 20.40 -26.24
C THR C 170 -37.32 20.28 -24.77
N PRO C 171 -38.43 19.66 -24.38
CA PRO C 171 -38.72 19.53 -22.94
C PRO C 171 -37.64 18.77 -22.18
N GLY C 172 -36.94 17.85 -22.84
CA GLY C 172 -35.84 17.17 -22.17
C GLY C 172 -34.69 18.12 -21.85
N TYR C 173 -34.29 18.93 -22.83
CA TYR C 173 -33.20 19.88 -22.59
C TYR C 173 -33.64 21.02 -21.68
N LEU C 174 -34.94 21.34 -21.67
CA LEU C 174 -35.42 22.33 -20.71
C LEU C 174 -35.35 21.79 -19.28
N LEU C 175 -35.62 20.49 -19.10
CA LEU C 175 -35.44 19.87 -17.80
C LEU C 175 -33.98 19.91 -17.37
N PHE C 176 -33.08 19.57 -18.29
CA PHE C 176 -31.65 19.65 -18.00
C PHE C 176 -31.24 21.08 -17.68
N TYR C 177 -31.80 22.05 -18.40
CA TYR C 177 -31.49 23.45 -18.14
C TYR C 177 -31.96 23.86 -16.74
N LYS C 178 -33.21 23.52 -16.41
CA LYS C 178 -33.73 23.85 -15.09
C LYS C 178 -33.01 23.11 -13.98
N THR C 179 -32.57 21.87 -14.24
CA THR C 179 -31.85 21.12 -13.23
C THR C 179 -30.51 21.78 -12.92
N CYS C 180 -29.82 22.27 -13.95
CA CYS C 180 -28.55 22.97 -13.73
C CYS C 180 -28.74 24.24 -12.91
N LEU C 181 -29.85 24.96 -13.15
CA LEU C 181 -30.13 26.16 -12.38
C LEU C 181 -30.32 25.82 -10.91
N ASN C 182 -31.09 24.77 -10.62
CA ASN C 182 -31.32 24.39 -9.24
C ASN C 182 -30.04 23.88 -8.57
N LEU C 183 -29.15 23.25 -9.34
CA LEU C 183 -27.86 22.84 -8.79
C LEU C 183 -26.94 24.04 -8.56
N ALA C 184 -27.04 25.07 -9.42
CA ALA C 184 -26.22 26.25 -9.23
C ALA C 184 -26.60 27.01 -7.96
N ILE C 185 -27.88 26.97 -7.59
CA ILE C 185 -28.33 27.65 -6.37
C ILE C 185 -27.63 27.08 -5.15
N LEU C 186 -27.34 25.78 -5.15
CA LEU C 186 -26.73 25.11 -4.01
C LEU C 186 -25.21 24.94 -4.16
N SER C 187 -24.63 25.44 -5.24
CA SER C 187 -23.21 25.28 -5.49
C SER C 187 -22.43 26.50 -5.00
N ASN C 188 -21.24 26.26 -4.47
CA ASN C 188 -20.36 27.35 -4.07
C ASN C 188 -19.56 27.91 -5.23
N ALA C 189 -19.46 27.18 -6.33
CA ALA C 189 -18.84 27.65 -7.57
C ALA C 189 -19.81 27.40 -8.72
N PRO C 190 -20.90 28.16 -8.79
CA PRO C 190 -21.99 27.83 -9.72
C PRO C 190 -21.73 28.19 -11.16
N SER C 191 -20.51 28.61 -11.53
CA SER C 191 -20.26 29.06 -12.89
C SER C 191 -20.46 27.92 -13.89
N LEU C 192 -19.89 26.75 -13.60
CA LEU C 192 -20.02 25.62 -14.52
C LEU C 192 -21.47 25.18 -14.65
N SER C 193 -22.25 25.27 -13.57
CA SER C 193 -23.67 24.90 -13.65
C SER C 193 -24.43 25.82 -14.58
N TYR C 194 -24.17 27.14 -14.49
CA TYR C 194 -24.86 28.08 -15.37
C TYR C 194 -24.41 27.94 -16.82
N GLN C 195 -23.12 27.63 -17.04
CA GLN C 195 -22.66 27.42 -18.41
C GLN C 195 -23.28 26.19 -19.03
N GLU C 196 -23.48 25.13 -18.22
CA GLU C 196 -24.19 23.95 -18.71
C GLU C 196 -25.67 24.25 -18.88
N ALA C 197 -26.25 25.09 -18.03
CA ALA C 197 -27.65 25.46 -18.18
C ALA C 197 -27.88 26.22 -19.48
N LEU C 198 -26.99 27.16 -19.80
CA LEU C 198 -27.14 27.95 -21.02
C LEU C 198 -27.07 27.07 -22.26
N GLU C 199 -26.12 26.14 -22.30
CA GLU C 199 -25.99 25.26 -23.46
C GLU C 199 -27.25 24.42 -23.66
N ALA C 200 -27.79 23.86 -22.59
CA ALA C 200 -29.02 23.09 -22.70
C ALA C 200 -30.20 23.97 -23.08
N LEU C 201 -30.24 25.20 -22.55
CA LEU C 201 -31.32 26.11 -22.89
C LEU C 201 -31.27 26.49 -24.36
N LEU C 202 -30.07 26.70 -24.91
CA LEU C 202 -29.95 27.03 -26.32
C LEU C 202 -30.34 25.85 -27.20
N ILE C 203 -29.89 24.64 -26.84
CA ILE C 203 -30.24 23.46 -27.62
C ILE C 203 -31.75 23.24 -27.61
N ALA C 204 -32.40 23.53 -26.48
CA ALA C 204 -33.85 23.38 -26.41
C ALA C 204 -34.55 24.30 -27.40
N ARG C 205 -34.03 25.53 -27.58
CA ARG C 205 -34.63 26.44 -28.55
C ARG C 205 -34.34 26.01 -29.97
N LYS C 206 -33.10 25.54 -30.23
CA LYS C 206 -32.73 25.09 -31.57
C LYS C 206 -33.62 23.96 -32.07
N LEU C 207 -34.18 23.17 -31.15
CA LEU C 207 -35.02 22.04 -31.51
C LEU C 207 -36.51 22.34 -31.42
N SER C 208 -36.89 23.52 -30.94
CA SER C 208 -38.28 23.79 -30.57
C SER C 208 -39.24 23.80 -31.75
N GLU C 209 -38.75 23.84 -32.99
CA GLU C 209 -39.63 23.91 -34.15
C GLU C 209 -39.63 22.63 -34.98
N HIS C 210 -38.89 21.60 -34.57
CA HIS C 210 -38.94 20.32 -35.26
C HIS C 210 -40.25 19.62 -34.96
N GLN C 211 -40.72 18.82 -35.93
CA GLN C 211 -42.02 18.17 -35.81
C GLN C 211 -42.06 17.25 -34.59
N TYR C 212 -41.01 16.46 -34.39
CA TYR C 212 -41.00 15.52 -33.27
C TYR C 212 -40.89 16.25 -31.93
N SER C 213 -40.18 17.38 -31.90
CA SER C 213 -40.07 18.13 -30.65
C SER C 213 -41.36 18.85 -30.30
N ILE C 214 -42.12 19.29 -31.30
CA ILE C 214 -43.42 19.90 -31.05
C ILE C 214 -44.36 18.87 -30.42
N SER C 215 -44.26 17.62 -30.85
CA SER C 215 -45.03 16.55 -30.21
C SER C 215 -44.58 16.33 -28.77
N ALA C 216 -43.27 16.42 -28.52
CA ALA C 216 -42.77 16.27 -27.15
C ALA C 216 -43.27 17.39 -26.26
N ILE C 217 -43.35 18.62 -26.79
CA ILE C 217 -43.88 19.74 -26.01
C ILE C 217 -45.35 19.49 -25.67
N ASN C 218 -46.08 18.88 -26.60
CA ASN C 218 -47.48 18.55 -26.34
C ASN C 218 -47.62 17.57 -25.18
N ASN C 219 -46.83 16.50 -25.20
CA ASN C 219 -46.95 15.48 -24.17
C ASN C 219 -46.42 15.97 -22.83
N ALA C 220 -45.29 16.67 -22.83
CA ALA C 220 -44.61 17.02 -21.58
C ALA C 220 -45.46 17.98 -20.75
N TYR C 221 -46.15 18.92 -21.39
CA TYR C 221 -46.92 19.93 -20.69
C TYR C 221 -48.43 19.76 -20.89
N PHE C 222 -48.86 18.60 -21.39
CA PHE C 222 -50.28 18.27 -21.51
C PHE C 222 -51.02 19.30 -22.37
N GLY C 223 -50.42 19.67 -23.49
CA GLY C 223 -51.04 20.58 -24.42
C GLY C 223 -51.12 22.03 -23.97
N LYS C 224 -50.70 22.34 -22.75
CA LYS C 224 -50.79 23.69 -22.24
C LYS C 224 -49.73 24.63 -22.79
N GLY C 225 -48.76 24.11 -23.54
CA GLY C 225 -47.74 24.93 -24.18
C GLY C 225 -46.48 25.04 -23.35
N LEU C 226 -45.53 25.77 -23.92
CA LEU C 226 -44.21 25.90 -23.31
C LEU C 226 -44.18 26.92 -22.18
N ILE C 227 -45.17 27.81 -22.10
CA ILE C 227 -45.20 28.85 -21.09
C ILE C 227 -46.08 28.49 -19.91
N HIS C 228 -47.25 27.90 -20.17
CA HIS C 228 -48.16 27.53 -19.09
C HIS C 228 -47.62 26.33 -18.31
N GLY C 229 -47.10 25.32 -19.00
CA GLY C 229 -46.51 24.17 -18.34
C GLY C 229 -45.15 24.44 -17.74
N ASN C 230 -44.53 25.56 -18.07
CA ASN C 230 -43.22 25.90 -17.54
C ASN C 230 -43.19 27.37 -17.10
N ILE C 234 -40.25 28.90 -18.21
CA ILE C 234 -39.67 30.13 -18.73
C ILE C 234 -40.78 31.12 -19.07
N GLU C 235 -40.42 32.41 -19.14
CA GLU C 235 -41.32 33.45 -19.60
C GLU C 235 -41.14 33.76 -21.08
N SER C 236 -39.90 33.83 -21.54
CA SER C 236 -39.60 34.03 -22.95
C SER C 236 -38.25 33.39 -23.25
N TRP C 237 -38.05 33.03 -24.52
CA TRP C 237 -36.77 32.45 -24.92
C TRP C 237 -35.62 33.42 -24.65
N ASP C 238 -35.72 34.64 -25.20
CA ASP C 238 -34.64 35.61 -25.05
C ASP C 238 -34.49 36.04 -23.59
N LYS C 239 -35.60 36.14 -22.86
CA LYS C 239 -35.51 36.61 -21.48
C LYS C 239 -34.92 35.55 -20.56
N ALA C 240 -35.14 34.27 -20.85
CA ALA C 240 -34.53 33.21 -20.07
C ALA C 240 -33.06 33.03 -20.40
N ILE C 241 -32.70 33.21 -21.68
CA ILE C 241 -31.29 33.14 -22.08
C ILE C 241 -30.51 34.28 -21.46
N SER C 242 -31.10 35.48 -21.42
CA SER C 242 -30.41 36.64 -20.87
C SER C 242 -30.20 36.50 -19.37
N GLU C 243 -31.20 36.02 -18.64
CA GLU C 243 -31.06 35.89 -17.20
C GLU C 243 -30.05 34.80 -16.83
N THR C 244 -29.93 33.76 -17.65
CA THR C 244 -28.92 32.74 -17.40
C THR C 244 -27.51 33.31 -17.55
N ILE C 245 -27.31 34.17 -18.56
CA ILE C 245 -26.00 34.79 -18.75
C ILE C 245 -25.71 35.78 -17.64
N ALA C 246 -26.74 36.50 -17.17
CA ALA C 246 -26.54 37.48 -16.11
C ALA C 246 -26.30 36.81 -14.77
N LYS C 247 -27.19 35.89 -14.37
CA LYS C 247 -27.00 35.18 -13.10
C LYS C 247 -25.72 34.36 -13.10
N GLY C 248 -25.35 33.80 -14.26
CA GLY C 248 -24.17 32.98 -14.35
C GLY C 248 -22.86 33.76 -14.45
N LYS C 249 -22.94 35.04 -14.78
CA LYS C 249 -21.75 35.88 -14.94
C LYS C 249 -20.79 35.27 -15.95
N ILE C 250 -21.35 34.69 -17.01
CA ILE C 250 -20.59 34.03 -18.06
C ILE C 250 -19.82 35.08 -18.85
N PRO C 251 -18.50 34.97 -18.94
CA PRO C 251 -17.73 35.96 -19.72
C PRO C 251 -18.05 35.87 -21.20
N SER C 252 -17.87 37.01 -21.88
CA SER C 252 -18.21 37.08 -23.30
C SER C 252 -17.32 36.17 -24.15
N THR C 253 -16.07 35.94 -23.72
CA THR C 253 -15.19 35.05 -24.46
C THR C 253 -15.72 33.62 -24.46
N LEU C 254 -16.45 33.23 -23.43
CA LEU C 254 -16.96 31.88 -23.31
C LEU C 254 -18.33 31.69 -23.95
N LEU C 255 -19.03 32.79 -24.25
CA LEU C 255 -20.35 32.69 -24.87
C LEU C 255 -20.25 32.07 -26.26
N ASN C 256 -19.26 32.48 -27.04
CA ASN C 256 -19.16 31.99 -28.42
C ASN C 256 -18.91 30.49 -28.47
N LYS C 257 -18.15 29.95 -27.52
CA LYS C 257 -17.92 28.52 -27.49
C LYS C 257 -19.20 27.78 -27.10
N ILE C 258 -19.99 28.35 -26.20
CA ILE C 258 -21.23 27.72 -25.79
C ILE C 258 -22.25 27.75 -26.93
N TYR C 259 -22.37 28.90 -27.61
CA TYR C 259 -23.29 28.99 -28.73
C TYR C 259 -22.89 28.03 -29.85
N ASP C 260 -21.59 27.85 -30.08
CA ASP C 260 -21.14 26.93 -31.12
C ASP C 260 -21.42 25.49 -30.75
N LYS C 261 -21.19 25.13 -29.47
CA LYS C 261 -21.47 23.76 -29.03
C LYS C 261 -22.96 23.46 -29.10
N ALA C 262 -23.81 24.44 -28.76
CA ALA C 262 -25.24 24.22 -28.83
C ALA C 262 -25.71 24.05 -30.27
N SER C 263 -25.13 24.81 -31.20
CA SER C 263 -25.53 24.71 -32.60
C SER C 263 -25.04 23.41 -33.22
N GLU C 264 -23.82 22.99 -32.88
CA GLU C 264 -23.29 21.75 -33.44
C GLU C 264 -24.07 20.54 -32.95
N LYS C 265 -24.40 20.50 -31.66
CA LYS C 265 -25.11 19.35 -31.11
C LYS C 265 -26.55 19.30 -31.62
N ALA C 266 -27.20 20.45 -31.73
CA ALA C 266 -28.56 20.48 -32.26
C ALA C 266 -28.59 20.15 -33.75
N LYS C 267 -27.54 20.53 -34.48
CA LYS C 267 -27.47 20.18 -35.90
C LYS C 267 -27.41 18.68 -36.08
N GLY C 268 -26.61 17.99 -35.26
CA GLY C 268 -26.54 16.54 -35.35
C GLY C 268 -27.85 15.87 -34.99
N ILE C 269 -28.65 16.49 -34.13
CA ILE C 269 -29.96 15.94 -33.78
C ILE C 269 -30.91 16.10 -34.95
N LEU C 270 -30.97 17.30 -35.54
CA LEU C 270 -31.90 17.57 -36.62
C LEU C 270 -31.51 16.83 -37.90
N ASP C 271 -30.22 16.57 -38.10
CA ASP C 271 -29.80 15.85 -39.30
C ASP C 271 -30.17 14.38 -39.23
N GLU C 272 -30.08 13.78 -38.04
CA GLU C 272 -30.43 12.37 -37.90
C GLU C 272 -31.92 12.13 -38.07
N PHE C 273 -32.76 13.14 -37.86
CA PHE C 273 -34.20 13.03 -38.04
C PHE C 273 -34.62 13.97 -39.16
N THR C 274 -34.30 13.58 -40.38
CA THR C 274 -34.61 14.39 -41.56
C THR C 274 -35.77 13.81 -42.35
#